data_8SOS
#
_entry.id   8SOS
#
_cell.length_a   136.449
_cell.length_b   136.449
_cell.length_c   166.767
_cell.angle_alpha   90.00
_cell.angle_beta   90.00
_cell.angle_gamma   120.00
#
_symmetry.space_group_name_H-M   'P 32 2 1'
#
loop_
_entity.id
_entity.type
_entity.pdbx_description
1 polymer 'Antigen-presenting glycoprotein CD1d'
2 polymer Beta-2-microglobulin
3 polymer 'Nanobody VHH ID17'
4 non-polymer sphingomyelin
5 non-polymer 2-acetamido-2-deoxy-beta-D-glucopyranose
6 water water
#
loop_
_entity_poly.entity_id
_entity_poly.type
_entity_poly.pdbx_seq_one_letter_code
_entity_poly.pdbx_strand_id
1 'polypeptide(L)'
;MQRLFPLRCLQISSFANSSWTRTDGLAWLGELQTHSWSNDSDTVRSLKPWSQGTFSDQQWETLQHIFRVYRSSFTRDVKE
FAKMLRLSYPLELQVSAGCEVHPGNASNNFFHVAFQGKDILSFQGTSWEPTQEAPLWVNLAIQVLNQDKWTRETVQWLLN
GTCPQFVSGLLESGKSELKKQVKPKAWLSRGPSPGPGRLLLVCHVSGFYPKPVWVKWMRGEQEQQGTQPGDILPNADETW
YLRATLDVVAGEAAGLSCRVKHSSLEGQDIVLYWGSLVPRGSGSRIARLEEKVKTLKAQNSELASTANMLREQVAQLKQK
VMNHGSGLNDIFEAQKIEWHEHHHHHH
;
A,E
2 'polypeptide(L)'
;MIQRTPKIQVYSRHPAENGKSNFLNCYVSGFHPSDIEVDLLKNGERIEKVEHSDLSFSKDWSFYLLYYTEFTPTEKDEYA
CRVNHVTLSQPKIVKWDRDM
;
B,F
3 'polypeptide(L)'
;QVQLVESGGGLVQAGGSLRLSCAASGSSFSSYTMTWFRQAPGKEREIVAGIRWSGESPYYADSVKGRFTISRDNAKNTLY
LQMNSLKPEDTAVYYCAARLVPPGIPIERTLESMRYWGKGTLVTVSS
;
D,G
#
loop_
_chem_comp.id
_chem_comp.type
_chem_comp.name
_chem_comp.formula
FO4 non-polymer sphingomyelin 'C47 H94 N2 O6 P'
NAG D-saccharide, beta linking 2-acetamido-2-deoxy-beta-D-glucopyranose 'C8 H15 N O6'
#
# COMPACT_ATOMS: atom_id res chain seq x y z
N LEU A 4 6.41 34.40 -3.30
CA LEU A 4 5.08 34.32 -3.89
C LEU A 4 4.50 32.93 -3.65
N PHE A 5 3.18 32.87 -3.42
CA PHE A 5 2.51 31.62 -3.05
C PHE A 5 1.34 31.35 -3.99
N PRO A 6 1.61 30.78 -5.16
CA PRO A 6 0.53 30.42 -6.07
C PRO A 6 -0.21 29.18 -5.59
N LEU A 7 -1.49 29.11 -5.91
CA LEU A 7 -2.30 27.94 -5.61
C LEU A 7 -2.34 27.02 -6.82
N ARG A 8 -1.83 25.79 -6.65
CA ARG A 8 -1.81 24.80 -7.71
C ARG A 8 -2.70 23.62 -7.30
N CYS A 9 -3.77 23.40 -8.07
CA CYS A 9 -4.64 22.25 -7.86
C CYS A 9 -4.36 21.20 -8.94
N LEU A 10 -3.97 20.01 -8.51
CA LEU A 10 -3.54 18.94 -9.42
C LEU A 10 -4.52 17.77 -9.35
N GLN A 11 -4.86 17.23 -10.52
CA GLN A 11 -5.79 16.10 -10.62
C GLN A 11 -5.14 14.99 -11.42
N ILE A 12 -5.21 13.76 -10.92
CA ILE A 12 -4.66 12.57 -11.58
C ILE A 12 -5.80 11.57 -11.75
N SER A 13 -6.29 11.42 -12.98
CA SER A 13 -7.40 10.52 -13.27
C SER A 13 -6.92 9.41 -14.19
N SER A 14 -7.08 8.17 -13.75
CA SER A 14 -6.64 6.99 -14.48
C SER A 14 -7.84 6.11 -14.83
N PHE A 15 -7.89 5.66 -16.08
CA PHE A 15 -8.96 4.80 -16.58
C PHE A 15 -8.32 3.54 -17.15
N ALA A 16 -8.31 2.46 -16.36
CA ALA A 16 -7.74 1.21 -16.86
C ALA A 16 -8.59 0.62 -17.97
N ASN A 17 -9.91 0.71 -17.84
CA ASN A 17 -10.86 0.30 -18.88
C ASN A 17 -12.22 0.91 -18.52
N SER A 18 -13.27 0.45 -19.21
CA SER A 18 -14.60 1.02 -19.01
C SER A 18 -15.18 0.72 -17.64
N SER A 19 -14.56 -0.16 -16.85
CA SER A 19 -15.11 -0.56 -15.56
C SER A 19 -14.17 -0.30 -14.39
N TRP A 20 -13.02 0.32 -14.62
CA TRP A 20 -12.08 0.62 -13.55
C TRP A 20 -11.54 2.03 -13.75
N THR A 21 -11.68 2.87 -12.73
CA THR A 21 -11.19 4.24 -12.79
C THR A 21 -11.01 4.77 -11.38
N ARG A 22 -10.10 5.72 -11.23
CA ARG A 22 -9.92 6.42 -9.97
C ARG A 22 -9.39 7.82 -10.26
N THR A 23 -9.79 8.76 -9.42
CA THR A 23 -9.36 10.16 -9.52
C THR A 23 -8.78 10.58 -8.17
N ASP A 24 -7.58 11.14 -8.20
CA ASP A 24 -6.91 11.62 -7.00
C ASP A 24 -6.41 13.03 -7.23
N GLY A 25 -6.40 13.82 -6.16
CA GLY A 25 -6.04 15.23 -6.28
C GLY A 25 -5.27 15.72 -5.08
N LEU A 26 -4.60 16.85 -5.27
CA LEU A 26 -3.88 17.53 -4.20
C LEU A 26 -3.81 19.01 -4.53
N ALA A 27 -3.63 19.82 -3.49
CA ALA A 27 -3.53 21.27 -3.63
C ALA A 27 -2.23 21.76 -2.99
N TRP A 28 -1.51 22.61 -3.72
CA TRP A 28 -0.28 23.22 -3.23
C TRP A 28 -0.48 24.73 -3.11
N LEU A 29 -0.04 25.29 -1.98
CA LEU A 29 0.04 26.73 -1.80
C LEU A 29 1.52 27.08 -1.64
N GLY A 30 2.11 27.65 -2.68
CA GLY A 30 3.55 27.77 -2.72
C GLY A 30 4.16 26.39 -2.77
N GLU A 31 4.96 26.06 -1.76
CA GLU A 31 5.61 24.75 -1.69
C GLU A 31 4.96 23.83 -0.68
N LEU A 32 3.89 24.25 -0.02
CA LEU A 32 3.21 23.45 1.00
C LEU A 32 1.96 22.81 0.43
N GLN A 33 1.79 21.52 0.67
CA GLN A 33 0.57 20.82 0.27
C GLN A 33 -0.50 21.07 1.32
N THR A 34 -1.60 21.70 0.91
CA THR A 34 -2.66 22.10 1.83
C THR A 34 -3.85 21.15 1.83
N HIS A 35 -4.07 20.41 0.74
CA HIS A 35 -5.21 19.53 0.65
C HIS A 35 -4.82 18.23 -0.03
N SER A 36 -5.59 17.18 0.25
CA SER A 36 -5.42 15.87 -0.36
C SER A 36 -6.81 15.35 -0.72
N TRP A 37 -6.91 14.73 -1.89
CA TRP A 37 -8.19 14.29 -2.43
C TRP A 37 -8.04 12.87 -2.94
N SER A 38 -8.46 11.90 -2.13
CA SER A 38 -8.36 10.49 -2.48
C SER A 38 -9.66 10.00 -3.10
N ASN A 39 -9.53 9.03 -4.01
CA ASN A 39 -10.71 8.45 -4.65
C ASN A 39 -11.59 7.74 -3.64
N ASP A 40 -11.01 7.21 -2.56
CA ASP A 40 -11.76 6.48 -1.56
C ASP A 40 -12.43 7.38 -0.54
N SER A 41 -12.38 8.70 -0.73
CA SER A 41 -12.98 9.65 0.20
C SER A 41 -14.10 10.41 -0.50
N ASP A 42 -15.13 10.76 0.29
CA ASP A 42 -16.23 11.55 -0.23
C ASP A 42 -15.93 13.04 -0.26
N THR A 43 -14.89 13.48 0.45
CA THR A 43 -14.58 14.89 0.60
C THR A 43 -13.10 15.15 0.33
N VAL A 44 -12.80 16.38 -0.05
CA VAL A 44 -11.42 16.85 -0.06
C VAL A 44 -10.93 16.97 1.38
N ARG A 45 -9.75 16.43 1.65
CA ARG A 45 -9.23 16.34 3.01
C ARG A 45 -8.25 17.48 3.28
N SER A 46 -8.40 18.11 4.44
CA SER A 46 -7.51 19.19 4.85
C SER A 46 -6.27 18.60 5.52
N LEU A 47 -5.09 19.09 5.11
CA LEU A 47 -3.83 18.64 5.68
C LEU A 47 -3.30 19.59 6.75
N LYS A 48 -3.85 20.79 6.85
CA LYS A 48 -3.42 21.79 7.82
C LYS A 48 -4.62 22.26 8.61
N PRO A 49 -4.41 22.67 9.87
CA PRO A 49 -5.51 23.28 10.64
C PRO A 49 -6.09 24.52 9.97
N TRP A 50 -5.33 25.18 9.11
CA TRP A 50 -5.75 26.41 8.44
C TRP A 50 -6.10 26.19 6.97
N SER A 51 -6.30 24.94 6.54
CA SER A 51 -6.50 24.64 5.13
C SER A 51 -7.79 25.25 4.58
N GLN A 52 -8.75 25.59 5.44
CA GLN A 52 -10.00 26.20 4.99
C GLN A 52 -9.86 27.68 4.70
N GLY A 53 -8.72 28.29 5.04
CA GLY A 53 -8.55 29.71 4.82
C GLY A 53 -9.50 30.51 5.69
N THR A 54 -10.14 31.51 5.09
CA THR A 54 -11.16 32.31 5.78
C THR A 54 -12.56 31.98 5.28
N PHE A 55 -12.71 30.89 4.53
CA PHE A 55 -14.03 30.45 4.10
C PHE A 55 -14.83 29.94 5.30
N SER A 56 -16.11 30.29 5.33
CA SER A 56 -16.99 29.76 6.35
C SER A 56 -17.26 28.28 6.10
N ASP A 57 -17.88 27.63 7.08
CA ASP A 57 -18.25 26.22 6.92
C ASP A 57 -19.21 26.03 5.76
N GLN A 58 -20.17 26.94 5.60
CA GLN A 58 -21.11 26.85 4.48
C GLN A 58 -20.41 27.07 3.15
N GLN A 59 -19.48 28.04 3.10
CA GLN A 59 -18.72 28.27 1.88
C GLN A 59 -17.87 27.06 1.52
N TRP A 60 -17.26 26.42 2.54
CA TRP A 60 -16.42 25.25 2.27
C TRP A 60 -17.25 24.06 1.84
N GLU A 61 -18.43 23.88 2.44
CA GLU A 61 -19.31 22.78 2.03
C GLU A 61 -19.80 22.98 0.61
N THR A 62 -20.00 24.22 0.18
CA THR A 62 -20.36 24.49 -1.20
C THR A 62 -19.27 23.98 -2.15
N LEU A 63 -18.01 24.26 -1.82
CA LEU A 63 -16.91 23.78 -2.65
C LEU A 63 -16.80 22.25 -2.61
N GLN A 64 -17.09 21.64 -1.46
CA GLN A 64 -17.05 20.19 -1.36
C GLN A 64 -18.09 19.56 -2.30
N HIS A 65 -19.30 20.10 -2.31
CA HIS A 65 -20.34 19.57 -3.21
C HIS A 65 -19.96 19.78 -4.67
N ILE A 66 -19.36 20.93 -4.99
CA ILE A 66 -18.94 21.19 -6.38
C ILE A 66 -17.91 20.17 -6.82
N PHE A 67 -16.91 19.91 -5.99
CA PHE A 67 -15.87 18.95 -6.36
C PHE A 67 -16.39 17.52 -6.34
N ARG A 68 -17.31 17.21 -5.43
CA ARG A 68 -17.90 15.86 -5.42
C ARG A 68 -18.65 15.60 -6.71
N VAL A 69 -19.45 16.56 -7.16
CA VAL A 69 -20.17 16.41 -8.42
C VAL A 69 -19.20 16.40 -9.59
N TYR A 70 -18.16 17.24 -9.53
CA TYR A 70 -17.21 17.34 -10.64
C TYR A 70 -16.48 16.02 -10.87
N ARG A 71 -16.08 15.34 -9.79
CA ARG A 71 -15.31 14.11 -9.92
C ARG A 71 -16.13 13.03 -10.63
N SER A 72 -17.38 12.81 -10.19
CA SER A 72 -18.22 11.80 -10.82
C SER A 72 -18.59 12.21 -12.25
N SER A 73 -18.84 13.50 -12.47
CA SER A 73 -19.21 13.95 -13.81
C SER A 73 -18.03 13.90 -14.76
N PHE A 74 -16.84 14.28 -14.29
CA PHE A 74 -15.64 14.16 -15.10
C PHE A 74 -15.42 12.72 -15.53
N THR A 75 -15.55 11.78 -14.58
CA THR A 75 -15.38 10.37 -14.90
C THR A 75 -16.39 9.90 -15.94
N ARG A 76 -17.65 10.33 -15.79
CA ARG A 76 -18.68 9.93 -16.73
C ARG A 76 -18.45 10.55 -18.11
N ASP A 77 -18.03 11.81 -18.15
CA ASP A 77 -17.84 12.48 -19.44
C ASP A 77 -16.66 11.91 -20.21
N VAL A 78 -15.59 11.52 -19.51
CA VAL A 78 -14.43 10.95 -20.18
C VAL A 78 -14.78 9.62 -20.83
N LYS A 79 -15.50 8.75 -20.11
CA LYS A 79 -15.88 7.47 -20.67
C LYS A 79 -16.82 7.65 -21.86
N GLU A 80 -17.67 8.68 -21.84
CA GLU A 80 -18.50 8.95 -23.01
C GLU A 80 -17.67 9.50 -24.17
N PHE A 81 -16.67 10.33 -23.86
CA PHE A 81 -15.76 10.82 -24.90
C PHE A 81 -15.00 9.67 -25.55
N ALA A 82 -14.53 8.71 -24.76
CA ALA A 82 -13.79 7.58 -25.30
C ALA A 82 -14.65 6.77 -26.25
N LYS A 83 -15.95 6.62 -25.93
CA LYS A 83 -16.85 5.92 -26.85
C LYS A 83 -17.16 6.78 -28.07
N MET A 84 -17.41 8.07 -27.86
CA MET A 84 -17.71 8.97 -28.97
C MET A 84 -16.54 9.08 -29.94
N LEU A 85 -15.33 9.23 -29.41
CA LEU A 85 -14.14 9.46 -30.22
C LEU A 85 -13.37 8.17 -30.53
N ARG A 86 -13.88 7.02 -30.10
CA ARG A 86 -13.26 5.72 -30.36
C ARG A 86 -11.81 5.68 -29.85
N LEU A 87 -11.63 6.18 -28.63
CA LEU A 87 -10.33 6.14 -27.96
C LEU A 87 -10.22 4.86 -27.13
N SER A 88 -9.07 4.20 -27.22
CA SER A 88 -8.86 2.92 -26.57
C SER A 88 -8.31 3.13 -25.16
N TYR A 89 -8.78 2.30 -24.24
CA TYR A 89 -8.22 2.28 -22.89
C TYR A 89 -6.85 1.60 -22.92
N PRO A 90 -5.98 1.90 -21.93
CA PRO A 90 -6.17 2.80 -20.78
C PRO A 90 -6.04 4.27 -21.12
N LEU A 91 -6.68 5.12 -20.32
CA LEU A 91 -6.63 6.57 -20.49
C LEU A 91 -6.05 7.21 -19.23
N GLU A 92 -5.12 8.14 -19.43
CA GLU A 92 -4.51 8.89 -18.33
CA GLU A 92 -4.51 8.89 -18.34
C GLU A 92 -4.73 10.38 -18.58
N LEU A 93 -5.35 11.05 -17.61
CA LEU A 93 -5.64 12.47 -17.72
C LEU A 93 -5.12 13.19 -16.49
N GLN A 94 -4.52 14.36 -16.72
CA GLN A 94 -4.00 15.21 -15.66
C GLN A 94 -4.56 16.61 -15.84
N VAL A 95 -4.89 17.25 -14.74
CA VAL A 95 -5.39 18.62 -14.73
C VAL A 95 -4.52 19.45 -13.80
N SER A 96 -4.11 20.62 -14.26
CA SER A 96 -3.36 21.58 -13.46
C SER A 96 -4.09 22.91 -13.52
N ALA A 97 -4.68 23.33 -12.40
CA ALA A 97 -5.48 24.54 -12.36
C ALA A 97 -5.15 25.33 -11.09
N GLY A 98 -5.37 26.63 -11.15
CA GLY A 98 -5.13 27.47 -10.00
C GLY A 98 -4.93 28.92 -10.43
N CYS A 99 -4.33 29.69 -9.52
CA CYS A 99 -4.09 31.10 -9.76
C CYS A 99 -2.98 31.59 -8.84
N GLU A 100 -2.54 32.81 -9.07
CA GLU A 100 -1.61 33.49 -8.18
C GLU A 100 -2.01 34.96 -8.09
N VAL A 101 -2.10 35.48 -6.87
CA VAL A 101 -2.45 36.88 -6.65
CA VAL A 101 -2.45 36.88 -6.66
C VAL A 101 -1.17 37.69 -6.58
N HIS A 102 -1.11 38.79 -7.35
CA HIS A 102 0.06 39.64 -7.28
C HIS A 102 -0.29 40.93 -6.57
N PRO A 103 0.52 41.37 -5.60
CA PRO A 103 0.35 42.64 -4.90
C PRO A 103 0.46 43.85 -5.83
N ASN A 105 -4.31 44.61 -7.25
CA ASN A 105 -3.45 44.58 -8.42
C ASN A 105 -3.83 43.41 -9.33
N ALA A 106 -3.03 43.19 -10.37
CA ALA A 106 -3.36 42.20 -11.39
C ALA A 106 -3.29 40.78 -10.83
N SER A 107 -4.06 39.89 -11.47
CA SER A 107 -4.16 38.50 -11.07
C SER A 107 -4.20 37.65 -12.34
N ASN A 108 -3.80 36.40 -12.22
CA ASN A 108 -3.85 35.49 -13.36
C ASN A 108 -4.10 34.07 -12.88
N ASN A 109 -4.63 33.25 -13.79
CA ASN A 109 -5.08 31.91 -13.46
C ASN A 109 -4.77 30.99 -14.64
N PHE A 110 -5.09 29.70 -14.49
CA PHE A 110 -4.78 28.72 -15.50
C PHE A 110 -5.58 27.46 -15.25
N PHE A 111 -5.79 26.70 -16.33
CA PHE A 111 -6.51 25.42 -16.25
C PHE A 111 -6.04 24.60 -17.46
N HIS A 112 -5.03 23.76 -17.23
CA HIS A 112 -4.42 22.97 -18.29
C HIS A 112 -4.77 21.50 -18.10
N VAL A 113 -5.10 20.84 -19.21
CA VAL A 113 -5.46 19.43 -19.22
C VAL A 113 -4.47 18.68 -20.09
N ALA A 114 -4.00 17.54 -19.59
CA ALA A 114 -3.07 16.68 -20.32
C ALA A 114 -3.69 15.32 -20.53
N PHE A 115 -3.36 14.70 -21.66
CA PHE A 115 -3.86 13.38 -22.03
C PHE A 115 -2.69 12.51 -22.42
N GLN A 116 -2.53 11.39 -21.72
CA GLN A 116 -1.38 10.49 -21.91
C GLN A 116 -0.06 11.23 -21.74
N GLY A 117 -0.05 12.22 -20.84
CA GLY A 117 1.15 12.99 -20.55
C GLY A 117 1.44 14.15 -21.48
N LYS A 118 0.51 14.51 -22.36
CA LYS A 118 0.70 15.58 -23.32
C LYS A 118 -0.44 16.58 -23.24
N ASP A 119 -0.10 17.86 -23.30
CA ASP A 119 -1.11 18.91 -23.34
C ASP A 119 -2.07 18.71 -24.52
N ILE A 120 -3.36 18.87 -24.26
CA ILE A 120 -4.35 18.74 -25.32
C ILE A 120 -5.24 19.98 -25.38
N LEU A 121 -5.52 20.58 -24.23
CA LEU A 121 -6.43 21.72 -24.21
C LEU A 121 -6.27 22.48 -22.90
N SER A 122 -6.80 23.70 -22.89
CA SER A 122 -6.74 24.57 -21.71
C SER A 122 -7.93 25.51 -21.74
N PHE A 123 -8.20 26.14 -20.61
CA PHE A 123 -9.29 27.09 -20.48
C PHE A 123 -8.73 28.51 -20.61
N GLN A 124 -9.16 29.21 -21.66
CA GLN A 124 -8.70 30.56 -21.96
C GLN A 124 -9.91 31.48 -22.05
N GLY A 125 -10.00 32.40 -21.09
CA GLY A 125 -11.08 33.37 -21.10
C GLY A 125 -12.40 32.80 -20.60
N THR A 126 -13.28 32.43 -21.53
CA THR A 126 -14.57 31.83 -21.18
C THR A 126 -14.80 30.48 -21.84
N SER A 127 -13.84 29.96 -22.60
CA SER A 127 -14.05 28.75 -23.37
C SER A 127 -12.80 27.88 -23.35
N TRP A 128 -12.96 26.64 -23.81
CA TRP A 128 -11.85 25.70 -23.92
C TRP A 128 -11.15 25.88 -25.27
N GLU A 129 -9.82 25.83 -25.24
CA GLU A 129 -9.04 25.97 -26.45
C GLU A 129 -8.07 24.80 -26.58
N PRO A 130 -7.93 24.24 -27.78
CA PRO A 130 -7.02 23.12 -27.98
C PRO A 130 -5.57 23.57 -28.07
N THR A 131 -4.67 22.67 -27.67
CA THR A 131 -3.25 22.90 -27.86
C THR A 131 -2.95 22.96 -29.35
N GLN A 132 -1.98 23.80 -29.72
CA GLN A 132 -1.65 24.00 -31.12
C GLN A 132 -1.32 22.69 -31.83
N GLU A 133 -0.58 21.80 -31.18
CA GLU A 133 -0.22 20.53 -31.79
C GLU A 133 -1.01 19.38 -31.18
N ALA A 134 -2.36 19.50 -31.18
CA ALA A 134 -3.20 18.46 -30.61
C ALA A 134 -3.76 17.55 -31.70
N PRO A 135 -4.10 16.31 -31.35
CA PRO A 135 -4.69 15.40 -32.34
C PRO A 135 -6.00 15.95 -32.90
N LEU A 136 -6.38 15.43 -34.07
CA LEU A 136 -7.54 15.94 -34.79
C LEU A 136 -8.82 15.73 -33.99
N TRP A 137 -8.92 14.62 -33.26
CA TRP A 137 -10.14 14.33 -32.50
C TRP A 137 -10.38 15.33 -31.37
N VAL A 138 -9.35 16.05 -30.93
CA VAL A 138 -9.51 17.00 -29.84
C VAL A 138 -10.47 18.12 -30.23
N ASN A 139 -10.50 18.47 -31.52
CA ASN A 139 -11.43 19.51 -31.97
C ASN A 139 -12.88 19.08 -31.74
N LEU A 140 -13.18 17.79 -31.91
CA LEU A 140 -14.53 17.31 -31.64
C LEU A 140 -14.84 17.40 -30.15
N ALA A 141 -13.86 17.07 -29.30
CA ALA A 141 -14.04 17.20 -27.86
C ALA A 141 -14.23 18.65 -27.44
N ILE A 142 -13.38 19.55 -27.97
CA ILE A 142 -13.52 20.98 -27.71
C ILE A 142 -14.91 21.46 -28.09
N GLN A 143 -15.40 21.00 -29.24
CA GLN A 143 -16.72 21.45 -29.71
C GLN A 143 -17.81 21.05 -28.73
N VAL A 144 -17.69 19.86 -28.14
CA VAL A 144 -18.69 19.40 -27.17
C VAL A 144 -18.55 20.17 -25.87
N LEU A 145 -17.31 20.39 -25.41
CA LEU A 145 -17.09 21.04 -24.12
C LEU A 145 -17.62 22.47 -24.13
N ASN A 146 -17.45 23.18 -25.25
CA ASN A 146 -17.87 24.57 -25.33
C ASN A 146 -19.39 24.72 -25.44
N GLN A 147 -20.12 23.61 -25.64
CA GLN A 147 -21.58 23.66 -25.58
C GLN A 147 -22.09 23.79 -24.15
N ASP A 148 -21.26 23.48 -23.16
CA ASP A 148 -21.68 23.44 -21.76
C ASP A 148 -21.45 24.81 -21.14
N LYS A 149 -22.48 25.66 -21.20
CA LYS A 149 -22.31 27.03 -20.70
C LYS A 149 -22.29 27.06 -19.17
N TRP A 150 -22.90 26.08 -18.52
CA TRP A 150 -22.89 26.07 -17.05
C TRP A 150 -21.51 25.76 -16.51
N THR A 151 -20.84 24.75 -17.08
CA THR A 151 -19.49 24.42 -16.65
C THR A 151 -18.51 25.55 -16.97
N ARG A 152 -18.63 26.13 -18.17
CA ARG A 152 -17.77 27.25 -18.53
C ARG A 152 -17.94 28.42 -17.57
N GLU A 153 -19.18 28.69 -17.15
CA GLU A 153 -19.41 29.75 -16.17
C GLU A 153 -18.82 29.39 -14.81
N THR A 154 -18.95 28.13 -14.40
CA THR A 154 -18.45 27.72 -13.10
C THR A 154 -16.92 27.74 -13.06
N VAL A 155 -16.27 27.27 -14.13
CA VAL A 155 -14.81 27.29 -14.19
C VAL A 155 -14.29 28.71 -14.12
N GLN A 156 -14.95 29.63 -14.85
CA GLN A 156 -14.55 31.03 -14.80
C GLN A 156 -14.73 31.60 -13.40
N TRP A 157 -15.83 31.26 -12.73
CA TRP A 157 -16.04 31.70 -11.35
C TRP A 157 -14.94 31.20 -10.44
N LEU A 158 -14.57 29.92 -10.57
CA LEU A 158 -13.55 29.35 -9.69
C LEU A 158 -12.19 29.97 -9.92
N LEU A 159 -11.80 30.16 -11.19
CA LEU A 159 -10.47 30.66 -11.49
C LEU A 159 -10.35 32.15 -11.17
N ASN A 160 -11.35 32.94 -11.57
CA ASN A 160 -11.27 34.39 -11.43
C ASN A 160 -11.80 34.89 -10.10
N GLY A 161 -12.63 34.12 -9.40
CA GLY A 161 -13.20 34.58 -8.16
C GLY A 161 -12.83 33.75 -6.95
N THR A 162 -13.12 32.45 -6.99
CA THR A 162 -12.89 31.59 -5.84
C THR A 162 -11.39 31.46 -5.54
N CYS A 163 -10.58 31.22 -6.56
CA CYS A 163 -9.16 30.98 -6.33
C CYS A 163 -8.43 32.19 -5.74
N PRO A 164 -8.57 33.41 -6.27
CA PRO A 164 -7.87 34.54 -5.64
C PRO A 164 -8.31 34.79 -4.22
N GLN A 165 -9.60 34.61 -3.93
CA GLN A 165 -10.10 34.78 -2.57
C GLN A 165 -9.58 33.68 -1.65
N PHE A 166 -9.48 32.46 -2.17
CA PHE A 166 -8.96 31.35 -1.38
C PHE A 166 -7.51 31.59 -1.00
N VAL A 167 -6.69 32.05 -1.95
CA VAL A 167 -5.29 32.31 -1.67
C VAL A 167 -5.14 33.37 -0.59
N SER A 168 -5.92 34.45 -0.70
CA SER A 168 -5.85 35.52 0.31
C SER A 168 -6.22 35.01 1.69
N GLY A 169 -7.27 34.20 1.78
CA GLY A 169 -7.65 33.63 3.07
C GLY A 169 -6.60 32.69 3.62
N LEU A 170 -5.98 31.88 2.75
CA LEU A 170 -4.95 30.96 3.20
C LEU A 170 -3.72 31.71 3.70
N LEU A 171 -3.34 32.79 3.02
CA LEU A 171 -2.19 33.58 3.47
C LEU A 171 -2.43 34.18 4.85
N GLU A 172 -3.68 34.39 5.23
CA GLU A 172 -4.04 34.95 6.52
C GLU A 172 -4.16 33.88 7.59
N SER A 173 -4.84 32.77 7.28
CA SER A 173 -5.03 31.71 8.26
C SER A 173 -3.75 30.93 8.51
N GLY A 174 -2.92 30.76 7.49
CA GLY A 174 -1.69 30.01 7.62
C GLY A 174 -0.45 30.89 7.62
N LYS A 175 -0.61 32.12 8.08
CA LYS A 175 0.49 33.09 8.03
C LYS A 175 1.70 32.61 8.83
N SER A 176 1.45 31.98 9.98
CA SER A 176 2.57 31.54 10.82
C SER A 176 3.40 30.45 10.13
N GLU A 177 2.73 29.47 9.52
CA GLU A 177 3.47 28.39 8.87
C GLU A 177 4.04 28.80 7.52
N LEU A 178 3.34 29.68 6.79
CA LEU A 178 3.82 30.10 5.47
C LEU A 178 5.04 31.01 5.58
N LYS A 179 5.12 31.81 6.63
CA LYS A 179 6.24 32.71 6.85
C LYS A 179 7.32 32.10 7.74
N LYS A 180 7.18 30.83 8.09
CA LYS A 180 8.16 30.15 8.92
C LYS A 180 9.55 30.21 8.31
N GLN A 181 10.56 30.27 9.18
CA GLN A 181 11.96 30.23 8.77
C GLN A 181 12.64 29.14 9.59
N VAL A 182 13.21 28.16 8.91
CA VAL A 182 13.89 27.05 9.55
C VAL A 182 15.35 27.05 9.09
N LYS A 183 16.26 27.05 10.06
CA LYS A 183 17.69 27.14 9.76
C LYS A 183 18.22 25.80 9.27
N PRO A 184 19.06 25.80 8.23
CA PRO A 184 19.67 24.56 7.79
C PRO A 184 20.85 24.17 8.68
N LYS A 185 21.11 22.86 8.71
CA LYS A 185 22.31 22.32 9.33
C LYS A 185 23.16 21.66 8.26
N ALA A 186 24.47 21.89 8.31
CA ALA A 186 25.38 21.44 7.28
C ALA A 186 26.47 20.55 7.89
N TRP A 187 27.07 19.73 7.02
CA TRP A 187 28.16 18.85 7.43
C TRP A 187 28.91 18.41 6.18
N LEU A 188 30.19 18.11 6.37
CA LEU A 188 31.08 17.75 5.28
C LEU A 188 31.30 16.23 5.23
N SER A 189 31.72 15.77 4.06
CA SER A 189 31.94 14.34 3.85
C SER A 189 32.93 14.16 2.72
N ARG A 190 33.38 12.91 2.54
CA ARG A 190 34.23 12.52 1.43
C ARG A 190 33.41 11.80 0.37
N GLY A 191 33.94 11.80 -0.85
CA GLY A 191 33.25 11.20 -1.98
C GLY A 191 34.14 10.37 -2.86
N PRO A 192 33.55 9.71 -3.85
CA PRO A 192 34.34 8.93 -4.81
C PRO A 192 35.32 9.83 -5.55
N SER A 193 36.58 9.38 -5.61
CA SER A 193 37.63 10.17 -6.24
C SER A 193 37.28 10.49 -7.69
N PRO A 194 37.29 11.76 -8.09
CA PRO A 194 36.99 12.09 -9.49
C PRO A 194 38.03 11.56 -10.47
N GLY A 195 39.22 11.22 -9.99
CA GLY A 195 40.26 10.70 -10.85
C GLY A 195 41.51 10.31 -10.07
N PRO A 196 42.66 10.33 -10.73
CA PRO A 196 43.92 9.99 -10.05
C PRO A 196 44.38 11.13 -9.16
N GLY A 197 44.49 10.86 -7.86
CA GLY A 197 44.91 11.86 -6.90
C GLY A 197 43.94 12.99 -6.65
N ARG A 198 42.77 12.97 -7.27
CA ARG A 198 41.78 14.01 -7.09
C ARG A 198 40.82 13.66 -5.95
N LEU A 199 40.24 14.69 -5.36
CA LEU A 199 39.32 14.53 -4.25
C LEU A 199 37.97 15.14 -4.60
N LEU A 200 36.91 14.54 -4.05
CA LEU A 200 35.54 15.01 -4.23
C LEU A 200 35.03 15.52 -2.88
N LEU A 201 35.08 16.83 -2.70
CA LEU A 201 34.57 17.44 -1.46
C LEU A 201 33.06 17.52 -1.54
N VAL A 202 32.38 17.04 -0.49
CA VAL A 202 30.93 16.97 -0.46
C VAL A 202 30.42 17.83 0.69
N CYS A 203 29.44 18.67 0.41
CA CYS A 203 28.85 19.56 1.40
C CYS A 203 27.35 19.33 1.44
N HIS A 204 26.85 18.83 2.57
CA HIS A 204 25.44 18.56 2.75
C HIS A 204 24.77 19.73 3.44
N VAL A 205 23.57 20.07 2.98
CA VAL A 205 22.74 21.12 3.59
C VAL A 205 21.32 20.58 3.68
N SER A 206 20.82 20.40 4.91
CA SER A 206 19.52 19.79 5.11
C SER A 206 18.77 20.52 6.22
N GLY A 207 17.45 20.55 6.08
CA GLY A 207 16.58 21.08 7.12
C GLY A 207 16.15 22.52 6.96
N PHE A 208 16.37 23.13 5.81
CA PHE A 208 16.03 24.53 5.64
C PHE A 208 14.63 24.69 5.05
N TYR A 209 13.99 25.80 5.41
CA TYR A 209 12.70 26.19 4.91
C TYR A 209 12.65 27.70 4.98
N PRO A 210 12.21 28.40 3.93
CA PRO A 210 11.68 27.87 2.66
C PRO A 210 12.77 27.37 1.72
N LYS A 211 12.39 27.08 0.47
CA LYS A 211 13.21 26.39 -0.51
C LYS A 211 14.41 27.19 -1.04
N PRO A 212 14.28 28.48 -1.35
CA PRO A 212 15.43 29.21 -1.91
C PRO A 212 16.65 29.15 -1.01
N VAL A 213 17.79 28.78 -1.59
CA VAL A 213 19.03 28.58 -0.85
C VAL A 213 20.21 28.83 -1.79
N TRP A 214 21.37 29.08 -1.20
CA TRP A 214 22.60 29.36 -1.93
C TRP A 214 23.75 28.61 -1.27
N VAL A 215 24.39 27.71 -2.02
CA VAL A 215 25.47 26.88 -1.50
C VAL A 215 26.57 26.81 -2.56
N LYS A 216 27.79 27.18 -2.17
CA LYS A 216 28.94 27.09 -3.07
C LYS A 216 30.20 26.79 -2.27
N TRP A 217 31.11 26.05 -2.89
CA TRP A 217 32.44 25.84 -2.33
C TRP A 217 33.31 27.05 -2.64
N MET A 218 33.97 27.58 -1.62
CA MET A 218 34.71 28.83 -1.77
C MET A 218 36.05 28.74 -1.05
N ARG A 219 37.02 29.47 -1.57
CA ARG A 219 38.30 29.73 -0.91
C ARG A 219 38.31 31.20 -0.55
N GLY A 220 38.04 31.52 0.71
CA GLY A 220 37.94 32.90 1.14
C GLY A 220 36.76 33.61 0.50
N GLU A 221 37.05 34.62 -0.32
CA GLU A 221 36.03 35.34 -1.06
C GLU A 221 35.86 34.84 -2.49
N GLN A 222 36.76 33.98 -2.95
CA GLN A 222 36.73 33.45 -4.32
C GLN A 222 35.84 32.20 -4.35
N GLU A 223 34.84 32.21 -5.23
CA GLU A 223 33.92 31.09 -5.35
C GLU A 223 34.45 30.12 -6.39
N GLN A 224 34.71 28.88 -5.98
CA GLN A 224 35.15 27.85 -6.91
C GLN A 224 34.07 27.61 -7.96
N GLN A 225 34.30 28.07 -9.19
CA GLN A 225 33.29 27.97 -10.23
C GLN A 225 33.01 26.54 -10.66
N GLY A 226 33.75 25.57 -10.14
CA GLY A 226 33.50 24.17 -10.41
C GLY A 226 32.55 23.51 -9.45
N THR A 227 31.86 24.27 -8.61
CA THR A 227 30.92 23.69 -7.66
C THR A 227 29.80 22.99 -8.42
N GLN A 228 29.48 21.76 -8.00
CA GLN A 228 28.41 20.98 -8.62
C GLN A 228 27.21 20.95 -7.68
N PRO A 229 26.22 21.84 -7.86
CA PRO A 229 25.02 21.76 -7.04
C PRO A 229 24.08 20.69 -7.53
N GLY A 230 23.49 19.96 -6.59
CA GLY A 230 22.50 18.94 -6.90
C GLY A 230 21.10 19.52 -6.91
N ASP A 231 20.12 18.62 -6.93
CA ASP A 231 18.73 19.03 -6.83
C ASP A 231 18.37 19.31 -5.38
N ILE A 232 17.46 20.27 -5.20
CA ILE A 232 16.91 20.55 -3.87
C ILE A 232 15.84 19.50 -3.61
N LEU A 233 16.13 18.56 -2.70
CA LEU A 233 15.30 17.41 -2.45
C LEU A 233 14.47 17.60 -1.18
N PRO A 234 13.25 17.07 -1.15
CA PRO A 234 12.38 17.30 0.00
C PRO A 234 12.62 16.30 1.13
N ASN A 235 12.43 16.80 2.35
CA ASN A 235 12.37 15.97 3.54
C ASN A 235 10.91 15.73 3.94
N ALA A 236 10.71 14.73 4.79
CA ALA A 236 9.36 14.37 5.20
C ALA A 236 8.71 15.45 6.07
N ASP A 237 9.50 16.29 6.73
CA ASP A 237 8.97 17.34 7.59
C ASP A 237 8.82 18.68 6.88
N GLU A 238 8.66 18.65 5.55
CA GLU A 238 8.49 19.83 4.72
C GLU A 238 9.70 20.76 4.73
N THR A 239 10.88 20.23 5.04
CA THR A 239 12.13 20.95 4.83
C THR A 239 12.81 20.39 3.58
N TRP A 240 14.01 20.89 3.29
CA TRP A 240 14.69 20.57 2.05
C TRP A 240 16.14 20.16 2.31
N TYR A 241 16.71 19.47 1.32
CA TYR A 241 18.06 18.93 1.39
C TYR A 241 18.78 19.24 0.09
N LEU A 242 20.05 19.61 0.18
CA LEU A 242 20.85 19.94 -0.98
C LEU A 242 22.29 19.51 -0.77
N ARG A 243 22.88 18.89 -1.80
CA ARG A 243 24.26 18.45 -1.78
C ARG A 243 25.05 19.23 -2.81
N ALA A 244 26.23 19.71 -2.43
CA ALA A 244 27.11 20.46 -3.33
C ALA A 244 28.49 19.81 -3.29
N THR A 245 29.01 19.49 -4.48
CA THR A 245 30.27 18.77 -4.60
C THR A 245 31.27 19.58 -5.42
N LEU A 246 32.54 19.23 -5.26
CA LEU A 246 33.62 19.91 -5.99
C LEU A 246 34.74 18.92 -6.23
N ASP A 247 35.14 18.76 -7.49
CA ASP A 247 36.33 17.99 -7.82
C ASP A 247 37.55 18.89 -7.68
N VAL A 248 38.61 18.36 -7.08
CA VAL A 248 39.72 19.19 -6.65
C VAL A 248 40.95 18.33 -6.48
N VAL A 249 42.12 18.89 -6.80
CA VAL A 249 43.40 18.25 -6.50
C VAL A 249 43.57 18.19 -4.99
N ALA A 250 44.12 17.06 -4.52
CA ALA A 250 44.22 16.83 -3.08
C ALA A 250 44.99 17.94 -2.38
N GLY A 251 46.02 18.47 -3.04
CA GLY A 251 46.78 19.56 -2.45
C GLY A 251 45.94 20.82 -2.28
N GLU A 252 45.10 21.12 -3.28
CA GLU A 252 44.27 22.32 -3.21
C GLU A 252 43.24 22.23 -2.09
N ALA A 253 42.86 21.01 -1.71
CA ALA A 253 41.91 20.77 -0.62
C ALA A 253 42.41 21.32 0.71
N ALA A 254 42.82 22.59 0.72
CA ALA A 254 43.35 23.24 1.92
C ALA A 254 42.89 24.68 1.92
N GLY A 255 42.33 25.13 3.04
CA GLY A 255 41.75 26.45 3.09
C GLY A 255 40.45 26.60 2.34
N LEU A 256 39.88 25.50 1.84
CA LEU A 256 38.61 25.54 1.16
C LEU A 256 37.47 25.39 2.15
N SER A 257 36.36 26.06 1.86
CA SER A 257 35.22 26.09 2.76
C SER A 257 33.92 26.03 1.98
N CYS A 258 32.88 25.49 2.61
CA CYS A 258 31.55 25.45 2.04
C CYS A 258 30.74 26.56 2.70
N ARG A 259 30.16 27.44 1.88
CA ARG A 259 29.41 28.58 2.37
C ARG A 259 27.94 28.41 2.02
N VAL A 260 27.06 28.64 2.99
CA VAL A 260 25.63 28.46 2.83
C VAL A 260 24.94 29.78 3.16
N LYS A 261 24.16 30.29 2.21
CA LYS A 261 23.36 31.49 2.41
C LYS A 261 21.88 31.09 2.38
N HIS A 262 21.15 31.49 3.42
CA HIS A 262 19.72 31.18 3.50
C HIS A 262 19.03 32.31 4.24
N SER A 263 17.75 32.52 3.89
CA SER A 263 17.00 33.62 4.47
C SER A 263 16.84 33.48 5.98
N SER A 264 16.77 32.24 6.48
CA SER A 264 16.60 32.03 7.90
C SER A 264 17.84 32.41 8.71
N LEU A 265 18.99 32.51 8.06
CA LEU A 265 20.22 32.83 8.77
C LEU A 265 20.39 34.32 9.01
N GLU A 266 19.60 35.16 8.34
CA GLU A 266 19.63 36.60 8.55
C GLU A 266 21.03 37.19 8.34
N GLY A 267 21.69 36.74 7.28
CA GLY A 267 23.02 37.21 6.93
C GLY A 267 24.18 36.47 7.56
N GLN A 268 23.93 35.64 8.59
CA GLN A 268 25.00 34.90 9.25
C GLN A 268 25.20 33.56 8.53
N ASP A 269 25.99 33.60 7.46
CA ASP A 269 26.23 32.43 6.63
C ASP A 269 26.89 31.31 7.44
N ILE A 270 26.62 30.08 7.04
CA ILE A 270 27.29 28.90 7.59
C ILE A 270 28.54 28.63 6.77
N VAL A 271 29.68 28.56 7.45
CA VAL A 271 30.97 28.31 6.80
C VAL A 271 31.60 27.09 7.45
N LEU A 272 31.88 26.06 6.64
CA LEU A 272 32.49 24.82 7.09
C LEU A 272 33.79 24.62 6.33
N TYR A 273 34.90 24.59 7.05
CA TYR A 273 36.22 24.43 6.47
C TYR A 273 36.62 22.96 6.44
N TRP A 274 37.36 22.59 5.40
CA TRP A 274 37.80 21.21 5.22
C TRP A 274 38.94 20.89 6.19
N GLY A 275 38.91 19.69 6.75
CA GLY A 275 39.93 19.26 7.69
C GLY A 275 39.42 19.13 9.11
N ILE B 2 3.82 8.18 -24.10
CA ILE B 2 5.20 8.55 -23.85
C ILE B 2 5.66 7.98 -22.52
N GLN B 3 6.96 7.71 -22.40
CA GLN B 3 7.51 7.13 -21.18
C GLN B 3 8.74 7.90 -20.73
N ARG B 4 8.88 8.02 -19.42
CA ARG B 4 10.02 8.70 -18.79
C ARG B 4 10.58 7.81 -17.70
N THR B 5 11.88 7.60 -17.70
CA THR B 5 12.43 6.73 -16.67
C THR B 5 12.63 7.52 -15.37
N PRO B 6 12.40 6.88 -14.21
CA PRO B 6 12.48 7.63 -12.96
C PRO B 6 13.91 7.94 -12.55
N LYS B 7 14.09 9.12 -11.95
CA LYS B 7 15.33 9.47 -11.30
C LYS B 7 15.21 9.11 -9.82
N ILE B 8 16.23 8.46 -9.28
CA ILE B 8 16.17 7.87 -7.94
C ILE B 8 17.33 8.44 -7.12
N GLN B 9 16.99 9.09 -6.00
CA GLN B 9 17.98 9.70 -5.13
C GLN B 9 17.70 9.32 -3.69
N VAL B 10 18.73 8.84 -2.99
CA VAL B 10 18.61 8.37 -1.62
C VAL B 10 19.46 9.25 -0.72
N TYR B 11 18.90 9.63 0.43
CA TYR B 11 19.56 10.54 1.35
C TYR B 11 18.90 10.44 2.71
N SER B 12 19.62 10.88 3.74
CA SER B 12 19.15 10.86 5.11
C SER B 12 18.76 12.26 5.56
N ARG B 13 17.82 12.32 6.50
CA ARG B 13 17.38 13.61 7.04
C ARG B 13 18.50 14.30 7.82
N HIS B 14 19.22 13.55 8.65
CA HIS B 14 20.31 14.08 9.46
C HIS B 14 21.61 13.38 9.08
N PRO B 15 22.77 13.90 9.47
CA PRO B 15 24.02 13.18 9.22
C PRO B 15 24.02 11.83 9.91
N ALA B 16 24.62 10.84 9.26
CA ALA B 16 24.60 9.46 9.76
C ALA B 16 25.46 9.35 11.01
N GLU B 17 24.83 8.99 12.13
CA GLU B 17 25.52 8.72 13.38
C GLU B 17 25.01 7.39 13.92
N ASN B 18 25.93 6.43 14.05
CA ASN B 18 25.55 5.09 14.48
C ASN B 18 24.95 5.13 15.88
N GLY B 19 23.74 4.57 16.02
CA GLY B 19 23.04 4.53 17.29
C GLY B 19 22.04 5.65 17.51
N LYS B 20 21.99 6.64 16.63
CA LYS B 20 21.05 7.75 16.74
C LYS B 20 19.98 7.61 15.68
N SER B 21 18.72 7.79 16.07
CA SER B 21 17.60 7.65 15.15
C SER B 21 17.69 8.69 14.04
N ASN B 22 17.15 8.34 12.88
CA ASN B 22 17.24 9.17 11.69
C ASN B 22 16.13 8.75 10.73
N PHE B 23 16.02 9.48 9.62
CA PHE B 23 15.05 9.17 8.57
C PHE B 23 15.78 8.94 7.26
N LEU B 24 15.44 7.87 6.57
CA LEU B 24 15.98 7.56 5.25
C LEU B 24 14.97 7.95 4.18
N ASN B 25 15.41 8.78 3.23
CA ASN B 25 14.54 9.27 2.17
C ASN B 25 14.94 8.66 0.83
N CYS B 26 13.93 8.31 0.03
CA CYS B 26 14.13 7.92 -1.35
C CYS B 26 13.19 8.77 -2.20
N TYR B 27 13.76 9.65 -3.02
CA TYR B 27 12.98 10.57 -3.84
C TYR B 27 13.02 10.08 -5.29
N VAL B 28 11.86 9.71 -5.81
CA VAL B 28 11.72 9.20 -7.17
C VAL B 28 10.92 10.22 -7.96
N SER B 29 11.50 10.70 -9.06
CA SER B 29 10.91 11.84 -9.77
C SER B 29 11.11 11.70 -11.27
N GLY B 30 10.32 12.49 -12.00
CA GLY B 30 10.49 12.63 -13.44
C GLY B 30 10.04 11.45 -14.28
N PHE B 31 9.17 10.60 -13.76
CA PHE B 31 8.78 9.37 -14.46
C PHE B 31 7.38 9.47 -15.03
N HIS B 32 7.13 8.62 -16.02
CA HIS B 32 5.85 8.45 -16.71
C HIS B 32 5.82 7.06 -17.35
N PRO B 33 4.73 6.30 -17.20
CA PRO B 33 3.46 6.65 -16.52
C PRO B 33 3.55 6.62 -15.00
N SER B 34 2.41 6.78 -14.32
CA SER B 34 2.41 6.99 -12.88
C SER B 34 2.63 5.69 -12.09
N ASP B 35 2.25 4.54 -12.66
CA ASP B 35 2.43 3.27 -11.96
CA ASP B 35 2.43 3.27 -11.96
C ASP B 35 3.90 3.03 -11.67
N ILE B 36 4.23 2.85 -10.39
CA ILE B 36 5.62 2.66 -9.98
C ILE B 36 5.62 1.90 -8.66
N GLU B 37 6.70 1.13 -8.44
CA GLU B 37 6.88 0.37 -7.22
C GLU B 37 8.18 0.80 -6.55
N VAL B 38 8.10 1.26 -5.31
CA VAL B 38 9.25 1.71 -4.54
C VAL B 38 9.26 0.99 -3.20
N ASP B 39 10.40 0.39 -2.86
CA ASP B 39 10.58 -0.30 -1.59
C ASP B 39 11.91 0.09 -0.98
N LEU B 40 11.92 0.25 0.34
CA LEU B 40 13.14 0.52 1.09
C LEU B 40 13.62 -0.76 1.76
N LEU B 41 14.91 -1.08 1.59
CA LEU B 41 15.48 -2.33 2.05
C LEU B 41 16.52 -2.08 3.13
N LYS B 42 16.53 -2.93 4.14
CA LYS B 42 17.57 -2.95 5.17
C LYS B 42 18.23 -4.32 5.17
N ASN B 43 19.51 -4.37 4.78
CA ASN B 43 20.25 -5.62 4.66
C ASN B 43 19.53 -6.62 3.77
N GLY B 44 18.90 -6.11 2.71
CA GLY B 44 18.22 -6.94 1.74
C GLY B 44 16.79 -7.29 2.06
N GLU B 45 16.30 -6.92 3.25
CA GLU B 45 14.92 -7.20 3.64
C GLU B 45 14.10 -5.92 3.59
N ARG B 46 12.84 -6.05 3.21
CA ARG B 46 11.97 -4.88 3.08
C ARG B 46 11.65 -4.31 4.45
N ILE B 47 11.75 -3.00 4.58
CA ILE B 47 11.40 -2.33 5.83
C ILE B 47 9.88 -2.23 5.91
N GLU B 48 9.31 -2.56 7.08
CA GLU B 48 7.87 -2.65 7.21
C GLU B 48 7.22 -1.27 7.20
N LYS B 49 7.60 -0.41 8.14
CA LYS B 49 6.96 0.89 8.29
C LYS B 49 7.62 1.88 7.32
N VAL B 50 7.08 1.95 6.11
CA VAL B 50 7.54 2.89 5.09
C VAL B 50 6.33 3.71 4.65
N GLU B 51 6.49 5.02 4.65
CA GLU B 51 5.45 5.94 4.23
C GLU B 51 5.87 6.70 2.98
N HIS B 52 4.89 7.19 2.25
CA HIS B 52 5.13 7.96 1.03
C HIS B 52 4.19 9.15 0.99
N SER B 53 4.68 10.25 0.41
CA SER B 53 3.84 11.41 0.16
C SER B 53 2.82 11.10 -0.93
N ASP B 54 1.83 11.98 -1.06
CA ASP B 54 0.85 11.84 -2.12
C ASP B 54 1.52 11.98 -3.49
N LEU B 55 1.12 11.12 -4.42
CA LEU B 55 1.59 11.23 -5.79
C LEU B 55 1.27 12.61 -6.35
N SER B 56 2.29 13.27 -6.90
CA SER B 56 2.16 14.59 -7.48
C SER B 56 2.87 14.60 -8.83
N PHE B 57 2.79 15.73 -9.54
CA PHE B 57 3.50 15.86 -10.80
C PHE B 57 3.99 17.28 -10.97
N SER B 58 5.00 17.44 -11.83
CA SER B 58 5.64 18.71 -12.08
C SER B 58 4.97 19.45 -13.24
N LYS B 59 5.54 20.60 -13.60
CA LYS B 59 4.98 21.40 -14.69
C LYS B 59 4.98 20.63 -16.00
N ASP B 60 6.01 19.83 -16.24
CA ASP B 60 6.10 19.04 -17.46
C ASP B 60 5.26 17.76 -17.40
N TRP B 61 4.42 17.62 -16.39
CA TRP B 61 3.45 16.54 -16.17
C TRP B 61 4.09 15.25 -15.64
N SER B 62 5.41 15.19 -15.51
CA SER B 62 6.04 14.00 -14.97
C SER B 62 5.84 13.90 -13.46
N PHE B 63 5.71 12.68 -12.97
CA PHE B 63 5.34 12.41 -11.59
C PHE B 63 6.57 12.35 -10.67
N TYR B 64 6.33 12.57 -9.38
CA TYR B 64 7.38 12.45 -8.38
C TYR B 64 6.77 11.98 -7.06
N LEU B 65 7.61 11.32 -6.26
CA LEU B 65 7.19 10.69 -5.01
C LEU B 65 8.34 10.70 -4.03
N LEU B 66 8.02 10.91 -2.74
CA LEU B 66 8.99 10.83 -1.66
C LEU B 66 8.61 9.65 -0.76
N TYR B 67 9.51 8.69 -0.63
CA TYR B 67 9.35 7.59 0.31
C TYR B 67 10.33 7.80 1.46
N TYR B 68 9.89 7.46 2.68
CA TYR B 68 10.73 7.69 3.85
C TYR B 68 10.37 6.71 4.95
N THR B 69 11.34 6.45 5.82
CA THR B 69 11.14 5.59 6.97
C THR B 69 12.08 6.01 8.09
N GLU B 70 11.63 5.84 9.33
CA GLU B 70 12.47 6.06 10.49
C GLU B 70 13.41 4.88 10.68
N PHE B 71 14.68 5.17 10.97
CA PHE B 71 15.66 4.11 11.13
C PHE B 71 16.80 4.59 12.02
N THR B 72 17.50 3.63 12.60
CA THR B 72 18.68 3.89 13.43
C THR B 72 19.83 3.08 12.88
N PRO B 73 20.77 3.71 12.17
CA PRO B 73 21.82 2.94 11.48
C PRO B 73 22.90 2.45 12.43
N THR B 74 23.51 1.34 12.03
CA THR B 74 24.69 0.79 12.70
C THR B 74 25.84 0.70 11.69
N GLU B 75 26.99 0.23 12.17
CA GLU B 75 28.18 0.18 11.32
C GLU B 75 28.03 -0.83 10.18
N LYS B 76 27.31 -1.92 10.41
CA LYS B 76 27.21 -3.00 9.43
C LYS B 76 25.93 -2.97 8.62
N ASP B 77 24.94 -2.19 9.03
CA ASP B 77 23.66 -2.16 8.33
C ASP B 77 23.80 -1.46 6.98
N GLU B 78 23.20 -2.06 5.95
CA GLU B 78 23.16 -1.49 4.61
C GLU B 78 21.72 -1.20 4.23
N TYR B 79 21.48 0.00 3.71
CA TYR B 79 20.14 0.45 3.32
C TYR B 79 20.12 0.77 1.84
N ALA B 80 19.00 0.48 1.19
CA ALA B 80 18.88 0.73 -0.24
C ALA B 80 17.43 1.03 -0.59
N CYS B 81 17.24 1.59 -1.78
CA CYS B 81 15.91 1.89 -2.32
C CYS B 81 15.75 1.11 -3.61
N ARG B 82 14.69 0.30 -3.70
CA ARG B 82 14.45 -0.54 -4.86
C ARG B 82 13.25 0.01 -5.60
N VAL B 83 13.43 0.30 -6.89
CA VAL B 83 12.40 0.94 -7.71
C VAL B 83 12.17 0.07 -8.93
N ASN B 84 10.90 -0.17 -9.26
CA ASN B 84 10.54 -0.88 -10.47
C ASN B 84 9.54 -0.05 -11.27
N HIS B 85 9.67 -0.09 -12.58
CA HIS B 85 8.92 0.77 -13.47
C HIS B 85 8.96 0.16 -14.86
N VAL B 86 7.96 0.47 -15.68
CA VAL B 86 7.89 -0.12 -17.02
C VAL B 86 9.11 0.27 -17.84
N THR B 87 9.74 1.40 -17.52
CA THR B 87 10.94 1.84 -18.23
C THR B 87 12.21 1.15 -17.76
N LEU B 88 12.11 0.23 -16.80
CA LEU B 88 13.28 -0.45 -16.25
C LEU B 88 13.21 -1.93 -16.58
N SER B 89 14.25 -2.45 -17.23
CA SER B 89 14.28 -3.87 -17.57
C SER B 89 14.43 -4.73 -16.32
N GLN B 90 15.15 -4.24 -15.31
CA GLN B 90 15.32 -4.91 -14.04
CA GLN B 90 15.30 -4.92 -14.04
C GLN B 90 15.14 -3.89 -12.92
N PRO B 91 14.70 -4.34 -11.74
CA PRO B 91 14.55 -3.40 -10.62
C PRO B 91 15.86 -2.70 -10.31
N LYS B 92 15.80 -1.37 -10.21
CA LYS B 92 16.97 -0.57 -9.92
C LYS B 92 17.12 -0.42 -8.41
N ILE B 93 18.27 -0.81 -7.89
CA ILE B 93 18.57 -0.71 -6.46
C ILE B 93 19.62 0.38 -6.30
N VAL B 94 19.26 1.43 -5.56
CA VAL B 94 20.16 2.54 -5.28
C VAL B 94 20.50 2.47 -3.80
N LYS B 95 21.77 2.21 -3.50
CA LYS B 95 22.21 2.08 -2.13
C LYS B 95 22.36 3.46 -1.48
N TRP B 96 22.14 3.50 -0.17
CA TRP B 96 22.37 4.72 0.61
C TRP B 96 23.85 4.81 0.95
N ASP B 97 24.52 5.84 0.43
CA ASP B 97 25.92 6.09 0.73
C ASP B 97 26.02 7.03 1.93
N ARG B 98 26.66 6.55 2.99
CA ARG B 98 26.81 7.37 4.18
C ARG B 98 27.70 8.57 3.93
N ASP B 99 28.89 8.34 3.39
CA ASP B 99 29.82 9.42 3.06
C ASP B 99 29.32 10.21 1.85
N GLN C 1 -30.13 18.44 -10.79
CA GLN C 1 -29.57 18.28 -9.46
C GLN C 1 -30.55 18.76 -8.40
N VAL C 2 -31.28 19.82 -8.71
CA VAL C 2 -32.26 20.41 -7.81
C VAL C 2 -33.58 20.57 -8.56
N GLN C 3 -34.67 20.08 -7.98
CA GLN C 3 -36.02 20.28 -8.50
C GLN C 3 -36.78 21.21 -7.56
N LEU C 4 -37.50 22.16 -8.14
CA LEU C 4 -38.15 23.22 -7.39
C LEU C 4 -39.66 23.19 -7.64
N VAL C 5 -40.43 23.40 -6.58
CA VAL C 5 -41.89 23.38 -6.65
C VAL C 5 -42.42 24.53 -5.80
N GLU C 6 -42.97 25.55 -6.46
CA GLU C 6 -43.56 26.67 -5.75
C GLU C 6 -44.96 26.34 -5.28
N SER C 7 -45.38 27.00 -4.20
CA SER C 7 -46.74 26.91 -3.71
C SER C 7 -47.07 28.18 -2.94
N GLY C 8 -48.36 28.39 -2.68
CA GLY C 8 -48.83 29.52 -1.92
C GLY C 8 -49.54 30.59 -2.73
N GLY C 9 -49.47 30.54 -4.05
CA GLY C 9 -50.14 31.54 -4.87
C GLY C 9 -51.64 31.51 -4.69
N GLY C 10 -52.26 32.66 -4.96
CA GLY C 10 -53.69 32.77 -4.83
C GLY C 10 -54.14 34.21 -5.03
N LEU C 11 -55.44 34.41 -4.79
CA LEU C 11 -56.06 35.72 -4.92
C LEU C 11 -55.98 36.49 -3.61
N VAL C 12 -55.55 37.74 -3.68
CA VAL C 12 -55.38 38.58 -2.51
C VAL C 12 -55.82 40.00 -2.84
N GLN C 13 -56.36 40.70 -1.83
CA GLN C 13 -56.79 42.08 -2.00
C GLN C 13 -55.60 43.02 -1.83
N ALA C 14 -55.74 44.22 -2.39
CA ALA C 14 -54.69 45.22 -2.30
C ALA C 14 -54.40 45.58 -0.86
N GLY C 15 -53.12 45.73 -0.54
CA GLY C 15 -52.69 45.98 0.83
C GLY C 15 -52.56 44.75 1.70
N GLY C 16 -52.95 43.57 1.21
CA GLY C 16 -52.87 42.36 2.00
C GLY C 16 -51.50 41.72 1.95
N SER C 17 -51.40 40.56 2.60
CA SER C 17 -50.15 39.84 2.73
C SER C 17 -50.32 38.41 2.24
N LEU C 18 -49.21 37.82 1.81
CA LEU C 18 -49.20 36.44 1.31
C LEU C 18 -47.76 35.94 1.34
N ARG C 19 -47.59 34.68 1.73
CA ARG C 19 -46.26 34.06 1.81
C ARG C 19 -46.17 32.93 0.80
N LEU C 20 -45.15 32.99 -0.04
CA LEU C 20 -44.85 31.91 -0.99
C LEU C 20 -43.78 30.99 -0.41
N SER C 21 -43.82 29.73 -0.84
CA SER C 21 -42.86 28.73 -0.40
C SER C 21 -42.39 27.92 -1.59
N CYS C 22 -41.17 27.40 -1.49
CA CYS C 22 -40.54 26.65 -2.58
C CYS C 22 -39.85 25.43 -1.99
N ALA C 23 -40.36 24.24 -2.31
CA ALA C 23 -39.78 22.99 -1.83
C ALA C 23 -38.72 22.52 -2.84
N ALA C 24 -37.50 22.33 -2.35
CA ALA C 24 -36.39 21.92 -3.19
C ALA C 24 -35.99 20.49 -2.87
N SER C 25 -35.79 19.68 -3.91
CA SER C 25 -35.29 18.32 -3.78
C SER C 25 -33.87 18.27 -4.34
N GLY C 26 -32.93 17.86 -3.50
CA GLY C 26 -31.54 17.86 -3.91
C GLY C 26 -30.63 17.50 -2.75
N SER C 27 -29.33 17.53 -3.03
CA SER C 27 -28.34 17.06 -2.07
C SER C 27 -27.99 18.13 -1.05
N SER C 28 -27.42 19.25 -1.50
CA SER C 28 -26.86 20.27 -0.62
C SER C 28 -27.59 21.59 -0.87
N PHE C 29 -28.85 21.65 -0.43
CA PHE C 29 -29.68 22.83 -0.68
C PHE C 29 -29.06 24.09 -0.10
N SER C 30 -28.43 23.98 1.08
CA SER C 30 -27.87 25.15 1.74
C SER C 30 -26.73 25.78 0.95
N SER C 31 -26.12 25.05 0.02
CA SER C 31 -25.03 25.59 -0.79
C SER C 31 -25.51 26.40 -1.98
N TYR C 32 -26.80 26.31 -2.33
CA TYR C 32 -27.30 26.93 -3.54
C TYR C 32 -27.71 28.38 -3.29
N THR C 33 -27.44 29.23 -4.28
CA THR C 33 -28.00 30.58 -4.32
C THR C 33 -29.46 30.48 -4.78
N MET C 34 -30.38 30.95 -3.95
CA MET C 34 -31.81 30.87 -4.23
C MET C 34 -32.35 32.25 -4.56
N THR C 35 -33.18 32.32 -5.61
CA THR C 35 -33.74 33.58 -6.06
C THR C 35 -35.24 33.41 -6.31
N TRP C 36 -35.95 34.54 -6.25
CA TRP C 36 -37.34 34.64 -6.68
C TRP C 36 -37.42 35.54 -7.90
N PHE C 37 -38.08 35.06 -8.95
CA PHE C 37 -38.39 35.85 -10.13
C PHE C 37 -39.91 36.01 -10.25
N ARG C 38 -40.32 36.98 -11.06
CA ARG C 38 -41.74 37.13 -11.34
C ARG C 38 -41.89 37.62 -12.78
N GLN C 39 -42.99 37.20 -13.40
CA GLN C 39 -43.34 37.62 -14.76
C GLN C 39 -44.76 38.16 -14.74
N ALA C 40 -44.90 39.46 -14.89
CA ALA C 40 -46.21 40.10 -14.93
C ALA C 40 -46.83 39.93 -16.31
N PRO C 41 -48.17 40.01 -16.40
CA PRO C 41 -48.83 39.89 -17.71
C PRO C 41 -48.35 40.95 -18.68
N GLY C 42 -47.85 40.49 -19.83
CA GLY C 42 -47.35 41.38 -20.85
C GLY C 42 -45.94 41.88 -20.65
N LYS C 43 -45.26 41.45 -19.59
CA LYS C 43 -43.92 41.93 -19.27
C LYS C 43 -42.93 40.78 -19.21
N GLU C 44 -41.65 41.12 -19.30
CA GLU C 44 -40.59 40.12 -19.25
C GLU C 44 -40.36 39.68 -17.80
N ARG C 45 -39.87 38.45 -17.65
CA ARG C 45 -39.52 37.94 -16.33
C ARG C 45 -38.40 38.78 -15.73
N GLU C 46 -38.50 39.03 -14.42
CA GLU C 46 -37.57 39.93 -13.76
C GLU C 46 -37.26 39.41 -12.36
N ILE C 47 -36.08 39.76 -11.86
CA ILE C 47 -35.64 39.33 -10.54
C ILE C 47 -36.41 40.07 -9.46
N VAL C 48 -36.76 39.36 -8.40
CA VAL C 48 -37.41 39.93 -7.22
C VAL C 48 -36.45 40.01 -6.04
N ALA C 49 -35.87 38.89 -5.66
CA ALA C 49 -34.99 38.83 -4.49
C ALA C 49 -34.03 37.66 -4.64
N GLY C 50 -32.95 37.71 -3.88
CA GLY C 50 -31.95 36.66 -3.90
C GLY C 50 -31.33 36.49 -2.54
N ILE C 51 -30.97 35.25 -2.22
CA ILE C 51 -30.39 34.92 -0.92
C ILE C 51 -29.38 33.79 -1.11
N ARG C 52 -28.38 33.75 -0.23
CA ARG C 52 -27.37 32.70 -0.30
C ARG C 52 -27.09 32.11 1.08
N TRP C 53 -25.94 32.43 1.65
CA TRP C 53 -25.47 31.82 2.88
C TRP C 53 -25.80 32.71 4.08
N SER C 54 -25.88 32.07 5.25
CA SER C 54 -26.20 32.77 6.49
C SER C 54 -25.20 33.88 6.75
N GLY C 55 -25.72 35.04 7.16
CA GLY C 55 -24.90 36.20 7.45
C GLY C 55 -24.76 37.19 6.30
N GLU C 56 -25.11 36.78 5.09
CA GLU C 56 -25.03 37.67 3.94
C GLU C 56 -26.33 38.43 3.75
N SER C 57 -26.21 39.69 3.33
CA SER C 57 -27.38 40.52 3.10
C SER C 57 -28.10 40.06 1.83
N PRO C 58 -29.38 39.73 1.89
CA PRO C 58 -30.10 39.33 0.68
C PRO C 58 -30.23 40.48 -0.30
N TYR C 59 -30.39 40.13 -1.57
CA TYR C 59 -30.63 41.10 -2.62
C TYR C 59 -32.11 41.35 -2.78
N TYR C 60 -32.48 42.60 -3.07
CA TYR C 60 -33.86 42.97 -3.31
C TYR C 60 -33.91 43.94 -4.49
N ALA C 61 -34.82 43.69 -5.41
CA ALA C 61 -35.11 44.67 -6.45
C ALA C 61 -35.66 45.94 -5.82
N ASP C 62 -35.39 47.08 -6.46
CA ASP C 62 -35.81 48.36 -5.91
C ASP C 62 -37.32 48.44 -5.74
N SER C 63 -38.08 47.75 -6.58
CA SER C 63 -39.53 47.82 -6.56
C SER C 63 -40.16 47.05 -5.40
N VAL C 64 -39.39 46.26 -4.67
CA VAL C 64 -39.92 45.44 -3.58
C VAL C 64 -39.26 45.74 -2.24
N LYS C 65 -38.33 46.69 -2.19
CA LYS C 65 -37.66 47.00 -0.93
C LYS C 65 -38.65 47.54 0.10
N GLY C 66 -38.50 47.08 1.34
CA GLY C 66 -39.38 47.45 2.42
C GLY C 66 -40.73 46.75 2.44
N ARG C 67 -41.04 45.97 1.42
CA ARG C 67 -42.31 45.23 1.35
C ARG C 67 -42.12 43.73 1.32
N PHE C 68 -41.12 43.23 0.59
CA PHE C 68 -40.87 41.81 0.45
C PHE C 68 -39.65 41.41 1.28
N THR C 69 -39.71 40.18 1.82
CA THR C 69 -38.60 39.61 2.56
C THR C 69 -38.37 38.18 2.09
N ILE C 70 -37.15 37.87 1.69
CA ILE C 70 -36.78 36.53 1.27
C ILE C 70 -36.03 35.85 2.40
N SER C 71 -36.30 34.56 2.62
CA SER C 71 -35.65 33.80 3.67
C SER C 71 -35.65 32.33 3.27
N ARG C 72 -34.89 31.53 4.00
CA ARG C 72 -34.74 30.12 3.70
C ARG C 72 -34.63 29.32 4.98
N ASP C 73 -35.14 28.09 4.95
CA ASP C 73 -35.02 27.13 6.03
C ASP C 73 -34.24 25.95 5.46
N ASN C 74 -32.92 25.97 5.66
CA ASN C 74 -32.05 24.95 5.08
C ASN C 74 -32.35 23.56 5.66
N ALA C 75 -32.82 23.50 6.91
CA ALA C 75 -33.17 22.22 7.50
C ALA C 75 -34.37 21.58 6.82
N LYS C 76 -35.25 22.39 6.22
CA LYS C 76 -36.44 21.90 5.57
C LYS C 76 -36.36 21.97 4.04
N ASN C 77 -35.23 22.41 3.48
CA ASN C 77 -35.04 22.53 2.04
C ASN C 77 -36.13 23.41 1.42
N THR C 78 -36.46 24.51 2.10
CA THR C 78 -37.58 25.36 1.70
C THR C 78 -37.13 26.80 1.59
N LEU C 79 -37.58 27.47 0.52
CA LEU C 79 -37.35 28.89 0.32
C LEU C 79 -38.67 29.63 0.49
N TYR C 80 -38.62 30.81 1.10
CA TYR C 80 -39.80 31.58 1.41
C TYR C 80 -39.72 32.98 0.80
N LEU C 81 -40.88 33.52 0.45
CA LEU C 81 -41.02 34.92 0.06
C LEU C 81 -42.21 35.51 0.79
N GLN C 82 -41.94 36.38 1.77
CA GLN C 82 -42.99 37.05 2.52
C GLN C 82 -43.33 38.36 1.80
N MET C 83 -44.56 38.44 1.29
CA MET C 83 -45.01 39.58 0.50
C MET C 83 -46.04 40.37 1.31
N ASN C 84 -45.65 41.55 1.78
CA ASN C 84 -46.52 42.44 2.52
C ASN C 84 -46.83 43.69 1.71
N SER C 85 -47.93 44.35 2.07
CA SER C 85 -48.37 45.57 1.41
C SER C 85 -48.48 45.37 -0.10
N LEU C 86 -49.22 44.34 -0.49
CA LEU C 86 -49.30 43.95 -1.88
C LEU C 86 -50.06 44.98 -2.70
N LYS C 87 -49.55 45.25 -3.91
CA LYS C 87 -50.10 46.21 -4.83
C LYS C 87 -50.59 45.49 -6.09
N PRO C 88 -51.51 46.11 -6.84
CA PRO C 88 -51.95 45.47 -8.10
C PRO C 88 -50.82 45.21 -9.09
N GLU C 89 -49.80 46.07 -9.11
CA GLU C 89 -48.67 45.85 -10.00
C GLU C 89 -47.77 44.70 -9.56
N ASP C 90 -48.04 44.08 -8.41
CA ASP C 90 -47.32 42.89 -7.98
C ASP C 90 -47.93 41.62 -8.56
N THR C 91 -49.05 41.71 -9.27
CA THR C 91 -49.65 40.55 -9.92
C THR C 91 -48.68 39.99 -10.97
N ALA C 92 -48.30 38.73 -10.78
CA ALA C 92 -47.32 38.08 -11.65
C ALA C 92 -47.27 36.61 -11.31
N VAL C 93 -46.66 35.83 -12.20
CA VAL C 93 -46.30 34.44 -11.92
C VAL C 93 -44.91 34.45 -11.30
N TYR C 94 -44.83 33.96 -10.07
CA TYR C 94 -43.58 34.00 -9.30
C TYR C 94 -42.86 32.66 -9.44
N TYR C 95 -41.56 32.73 -9.76
CA TYR C 95 -40.76 31.56 -10.06
C TYR C 95 -39.65 31.39 -9.02
N CYS C 96 -39.42 30.15 -8.63
CA CYS C 96 -38.32 29.77 -7.75
C CYS C 96 -37.15 29.29 -8.60
N ALA C 97 -35.94 29.76 -8.27
CA ALA C 97 -34.76 29.45 -9.07
C ALA C 97 -33.57 29.20 -8.16
N ALA C 98 -32.58 28.50 -8.70
CA ALA C 98 -31.43 28.06 -7.93
C ALA C 98 -30.20 27.98 -8.83
N ARG C 99 -29.04 28.18 -8.24
CA ARG C 99 -27.77 28.03 -8.94
C ARG C 99 -26.67 27.78 -7.92
N LEU C 100 -25.79 26.83 -8.22
CA LEU C 100 -24.64 26.53 -7.37
C LEU C 100 -23.51 27.49 -7.70
N VAL C 101 -23.24 28.42 -6.80
CA VAL C 101 -22.25 29.48 -7.01
C VAL C 101 -21.14 29.30 -5.98
N PRO C 102 -19.88 29.22 -6.41
CA PRO C 102 -18.78 29.06 -5.45
C PRO C 102 -18.51 30.36 -4.72
N PRO C 103 -17.78 30.31 -3.60
CA PRO C 103 -17.45 31.54 -2.87
C PRO C 103 -16.60 32.48 -3.72
N GLY C 104 -16.63 33.76 -3.33
CA GLY C 104 -15.84 34.78 -3.99
C GLY C 104 -16.53 35.52 -5.11
N ILE C 105 -17.81 35.25 -5.35
CA ILE C 105 -18.59 35.89 -6.40
C ILE C 105 -19.69 36.71 -5.74
N PRO C 106 -19.77 38.02 -5.98
CA PRO C 106 -20.88 38.80 -5.42
C PRO C 106 -22.22 38.32 -5.97
N ILE C 107 -23.23 38.33 -5.10
CA ILE C 107 -24.55 37.78 -5.46
C ILE C 107 -25.18 38.59 -6.59
N GLU C 108 -24.85 39.89 -6.68
CA GLU C 108 -25.46 40.72 -7.71
C GLU C 108 -25.03 40.27 -9.11
N ARG C 109 -23.87 39.65 -9.23
CA ARG C 109 -23.33 39.20 -10.51
C ARG C 109 -23.84 37.82 -10.92
N THR C 110 -24.70 37.20 -10.12
CA THR C 110 -25.19 35.85 -10.42
C THR C 110 -26.69 35.80 -10.66
N LEU C 111 -27.39 36.94 -10.66
CA LEU C 111 -28.84 36.94 -10.78
C LEU C 111 -29.31 36.52 -12.17
N GLU C 112 -28.46 36.63 -13.18
CA GLU C 112 -28.79 36.19 -14.54
C GLU C 112 -28.22 34.81 -14.85
N SER C 113 -27.79 34.06 -13.82
CA SER C 113 -27.12 32.78 -14.02
C SER C 113 -27.89 31.61 -13.41
N MET C 114 -29.16 31.81 -13.09
CA MET C 114 -29.96 30.72 -12.51
C MET C 114 -30.08 29.57 -13.50
N ARG C 115 -30.03 28.35 -12.98
CA ARG C 115 -30.04 27.14 -13.80
C ARG C 115 -31.29 26.30 -13.64
N TYR C 116 -31.77 26.09 -12.42
CA TYR C 116 -32.94 25.28 -12.16
C TYR C 116 -34.12 26.17 -11.82
N TRP C 117 -35.28 25.87 -12.40
CA TRP C 117 -36.47 26.69 -12.25
C TRP C 117 -37.66 25.82 -11.86
N GLY C 118 -38.53 26.38 -11.03
CA GLY C 118 -39.84 25.79 -10.83
C GLY C 118 -40.81 26.23 -11.91
N LYS C 119 -41.96 25.55 -11.97
CA LYS C 119 -42.94 25.90 -12.98
C LYS C 119 -43.66 27.20 -12.67
N GLY C 120 -43.59 27.68 -11.44
CA GLY C 120 -44.14 28.97 -11.08
C GLY C 120 -45.51 28.87 -10.45
N THR C 121 -45.88 29.93 -9.73
CA THR C 121 -47.20 30.04 -9.13
C THR C 121 -47.68 31.48 -9.29
N LEU C 122 -48.96 31.63 -9.60
CA LEU C 122 -49.54 32.93 -9.91
C LEU C 122 -50.12 33.58 -8.66
N VAL C 123 -49.78 34.85 -8.45
CA VAL C 123 -50.37 35.67 -7.41
C VAL C 123 -51.03 36.87 -8.08
N THR C 124 -52.31 37.07 -7.81
CA THR C 124 -53.06 38.19 -8.37
C THR C 124 -53.57 39.07 -7.24
N VAL C 125 -53.28 40.36 -7.34
CA VAL C 125 -53.69 41.34 -6.34
C VAL C 125 -54.82 42.17 -6.95
N SER C 126 -56.04 41.93 -6.47
CA SER C 126 -57.22 42.60 -7.00
C SER C 126 -57.39 43.96 -6.35
N SER C 127 -58.41 44.69 -6.80
CA SER C 127 -58.73 46.03 -6.30
C SER C 127 -57.54 46.98 -6.40
N MET D 1 -1.64 -0.43 -9.78
CA MET D 1 -2.78 -1.23 -9.36
C MET D 1 -2.38 -2.67 -9.10
N GLN D 2 -2.02 -2.98 -7.86
CA GLN D 2 -1.61 -4.34 -7.50
C GLN D 2 -1.60 -4.47 -5.99
N ARG D 3 -1.82 -5.70 -5.53
CA ARG D 3 -1.79 -6.03 -4.11
C ARG D 3 -0.72 -7.09 -3.86
N LEU D 4 -0.20 -7.12 -2.64
CA LEU D 4 0.86 -8.04 -2.28
C LEU D 4 0.32 -9.22 -1.47
N PHE D 5 0.84 -10.40 -1.77
CA PHE D 5 0.43 -11.65 -1.13
C PHE D 5 1.71 -12.36 -0.67
N PRO D 6 2.25 -11.96 0.47
CA PRO D 6 3.49 -12.61 0.94
C PRO D 6 3.25 -14.01 1.44
N LEU D 7 4.26 -14.85 1.26
CA LEU D 7 4.24 -16.22 1.78
C LEU D 7 4.92 -16.23 3.14
N ARG D 8 4.16 -16.59 4.16
CA ARG D 8 4.68 -16.70 5.52
C ARG D 8 4.65 -18.17 5.95
N CYS D 9 5.82 -18.72 6.19
CA CYS D 9 5.94 -20.09 6.70
C CYS D 9 6.24 -19.99 8.19
N LEU D 10 5.36 -20.54 9.01
CA LEU D 10 5.44 -20.41 10.46
C LEU D 10 5.72 -21.77 11.07
N GLN D 11 6.63 -21.80 12.03
CA GLN D 11 6.99 -23.02 12.74
C GLN D 11 6.84 -22.78 14.23
N ILE D 12 6.18 -23.72 14.90
CA ILE D 12 5.95 -23.65 16.34
C ILE D 12 6.55 -24.91 16.95
N SER D 13 7.69 -24.77 17.62
CA SER D 13 8.39 -25.88 18.23
C SER D 13 8.37 -25.68 19.74
N SER D 14 7.80 -26.64 20.46
CA SER D 14 7.66 -26.57 21.91
C SER D 14 8.43 -27.73 22.54
N PHE D 15 9.21 -27.42 23.57
CA PHE D 15 10.01 -28.41 24.28
C PHE D 15 9.62 -28.37 25.75
N ALA D 16 8.74 -29.30 26.17
CA ALA D 16 8.36 -29.37 27.57
C ALA D 16 9.53 -29.80 28.43
N ASN D 17 10.33 -30.75 27.93
CA ASN D 17 11.55 -31.20 28.60
C ASN D 17 12.39 -31.92 27.56
N SER D 18 13.44 -32.60 28.02
CA SER D 18 14.36 -33.27 27.10
C SER D 18 13.73 -34.47 26.41
N SER D 19 12.55 -34.92 26.84
CA SER D 19 11.94 -36.12 26.29
C SER D 19 10.54 -35.88 25.71
N TRP D 20 10.03 -34.65 25.75
CA TRP D 20 8.71 -34.34 25.21
C TRP D 20 8.84 -33.10 24.34
N THR D 21 8.64 -33.26 23.03
CA THR D 21 8.78 -32.16 22.09
C THR D 21 7.80 -32.37 20.94
N ARG D 22 7.39 -31.26 20.32
CA ARG D 22 6.57 -31.33 19.12
C ARG D 22 6.85 -30.10 18.28
N THR D 23 6.77 -30.29 16.96
CA THR D 23 6.94 -29.19 16.00
C THR D 23 5.75 -29.19 15.05
N ASP D 24 5.13 -28.03 14.91
CA ASP D 24 3.99 -27.85 14.03
C ASP D 24 4.22 -26.63 13.16
N GLY D 25 3.66 -26.64 11.95
CA GLY D 25 3.91 -25.60 10.99
C GLY D 25 2.68 -25.27 10.17
N LEU D 26 2.73 -24.08 9.56
CA LEU D 26 1.68 -23.62 8.67
C LEU D 26 2.29 -22.72 7.62
N ALA D 27 1.60 -22.59 6.49
CA ALA D 27 2.00 -21.70 5.42
C ALA D 27 0.83 -20.78 5.09
N TRP D 28 1.09 -19.48 5.05
CA TRP D 28 0.09 -18.49 4.69
C TRP D 28 0.51 -17.81 3.39
N LEU D 29 -0.42 -17.67 2.46
CA LEU D 29 -0.23 -16.87 1.27
C LEU D 29 -1.23 -15.70 1.36
N GLY D 30 -0.71 -14.52 1.67
CA GLY D 30 -1.59 -13.42 2.03
C GLY D 30 -2.29 -13.76 3.33
N GLU D 31 -3.62 -13.80 3.30
CA GLU D 31 -4.40 -14.13 4.48
C GLU D 31 -4.98 -15.54 4.43
N LEU D 32 -4.64 -16.32 3.39
CA LEU D 32 -5.16 -17.67 3.22
C LEU D 32 -4.10 -18.68 3.65
N GLN D 33 -4.51 -19.66 4.45
CA GLN D 33 -3.62 -20.74 4.85
C GLN D 33 -3.57 -21.80 3.76
N THR D 34 -2.39 -22.03 3.20
CA THR D 34 -2.24 -22.96 2.09
C THR D 34 -1.71 -24.33 2.50
N HIS D 35 -1.00 -24.43 3.63
CA HIS D 35 -0.41 -25.69 4.04
C HIS D 35 -0.53 -25.86 5.55
N SER D 36 -0.51 -27.12 5.98
CA SER D 36 -0.54 -27.48 7.39
C SER D 36 0.48 -28.59 7.62
N TRP D 37 1.21 -28.50 8.73
CA TRP D 37 2.31 -29.40 9.04
C TRP D 37 2.21 -29.84 10.49
N SER D 38 1.67 -31.04 10.72
CA SER D 38 1.46 -31.56 12.06
C SER D 38 2.65 -32.43 12.47
N ASN D 39 2.91 -32.43 13.79
CA ASN D 39 4.02 -33.23 14.32
C ASN D 39 3.82 -34.73 14.09
N ASP D 40 2.57 -35.19 14.09
CA ASP D 40 2.27 -36.60 13.92
C ASP D 40 2.17 -37.01 12.46
N SER D 41 2.53 -36.13 11.53
CA SER D 41 2.42 -36.41 10.11
C SER D 41 3.82 -36.46 9.48
N ASP D 42 3.97 -37.34 8.49
CA ASP D 42 5.23 -37.47 7.77
C ASP D 42 5.40 -36.42 6.68
N THR D 43 4.32 -35.77 6.25
CA THR D 43 4.37 -34.84 5.14
C THR D 43 3.66 -33.53 5.49
N VAL D 44 4.07 -32.46 4.82
CA VAL D 44 3.30 -31.22 4.83
C VAL D 44 2.03 -31.43 4.03
N ARG D 45 0.89 -31.02 4.59
CA ARG D 45 -0.41 -31.28 4.00
C ARG D 45 -0.90 -30.06 3.23
N SER D 46 -1.39 -30.29 2.01
CA SER D 46 -1.94 -29.22 1.20
C SER D 46 -3.40 -28.96 1.58
N LEU D 47 -3.74 -27.68 1.79
CA LEU D 47 -5.09 -27.30 2.15
C LEU D 47 -5.91 -26.78 0.97
N LYS D 48 -5.28 -26.50 -0.17
CA LYS D 48 -5.97 -25.97 -1.34
C LYS D 48 -5.66 -26.84 -2.53
N PRO D 49 -6.59 -26.94 -3.49
CA PRO D 49 -6.27 -27.66 -4.75
C PRO D 49 -5.06 -27.10 -5.47
N TRP D 50 -4.72 -25.84 -5.23
CA TRP D 50 -3.61 -25.18 -5.90
C TRP D 50 -2.40 -24.99 -4.97
N SER D 51 -2.36 -25.67 -3.83
CA SER D 51 -1.30 -25.44 -2.85
C SER D 51 0.07 -25.85 -3.36
N GLN D 52 0.14 -26.72 -4.36
CA GLN D 52 1.44 -27.12 -4.89
C GLN D 52 2.00 -26.11 -5.88
N GLY D 53 1.21 -25.10 -6.27
CA GLY D 53 1.67 -24.13 -7.23
C GLY D 53 1.91 -24.79 -8.58
N THR D 54 3.04 -24.47 -9.20
CA THR D 54 3.45 -25.08 -10.45
C THR D 54 4.62 -26.05 -10.26
N PHE D 55 4.96 -26.40 -9.02
CA PHE D 55 5.99 -27.41 -8.79
C PHE D 55 5.51 -28.78 -9.23
N SER D 56 6.42 -29.53 -9.86
CA SER D 56 6.12 -30.91 -10.22
C SER D 56 6.08 -31.78 -8.96
N ASP D 57 5.61 -33.02 -9.14
CA ASP D 57 5.58 -33.96 -8.01
C ASP D 57 6.97 -34.23 -7.48
N GLN D 58 7.96 -34.37 -8.37
CA GLN D 58 9.32 -34.61 -7.92
C GLN D 58 9.90 -33.40 -7.20
N GLN D 59 9.61 -32.19 -7.71
CA GLN D 59 10.05 -30.99 -7.02
C GLN D 59 9.42 -30.87 -5.64
N TRP D 60 8.12 -31.21 -5.53
CA TRP D 60 7.45 -31.12 -4.24
C TRP D 60 7.95 -32.18 -3.27
N GLU D 61 8.22 -33.39 -3.77
CA GLU D 61 8.76 -34.43 -2.90
C GLU D 61 10.15 -34.08 -2.40
N THR D 62 10.96 -33.39 -3.20
CA THR D 62 12.25 -32.91 -2.73
C THR D 62 12.08 -32.00 -1.52
N LEU D 63 11.13 -31.08 -1.59
CA LEU D 63 10.86 -30.20 -0.45
C LEU D 63 10.34 -30.98 0.75
N GLN D 64 9.56 -32.04 0.51
CA GLN D 64 9.08 -32.87 1.61
C GLN D 64 10.25 -33.52 2.36
N HIS D 65 11.22 -34.06 1.62
CA HIS D 65 12.38 -34.67 2.26
C HIS D 65 13.22 -33.64 3.00
N ILE D 66 13.37 -32.44 2.42
CA ILE D 66 14.13 -31.38 3.07
C ILE D 66 13.50 -31.01 4.40
N PHE D 67 12.17 -30.84 4.41
CA PHE D 67 11.48 -30.45 5.62
C PHE D 67 11.43 -31.59 6.62
N ARG D 68 11.32 -32.83 6.15
CA ARG D 68 11.32 -33.98 7.04
C ARG D 68 12.65 -34.10 7.78
N VAL D 69 13.77 -33.95 7.06
CA VAL D 69 15.08 -34.00 7.69
C VAL D 69 15.27 -32.79 8.60
N TYR D 70 14.78 -31.62 8.16
CA TYR D 70 14.96 -30.40 8.94
C TYR D 70 14.26 -30.49 10.29
N ARG D 71 13.04 -31.06 10.32
CA ARG D 71 12.28 -31.12 11.56
C ARG D 71 13.00 -31.96 12.61
N SER D 72 13.44 -33.16 12.23
CA SER D 72 14.17 -34.01 13.18
C SER D 72 15.51 -33.40 13.55
N SER D 73 16.19 -32.76 12.60
CA SER D 73 17.49 -32.18 12.90
C SER D 73 17.36 -30.93 13.78
N PHE D 74 16.35 -30.11 13.51
CA PHE D 74 16.07 -28.95 14.37
C PHE D 74 15.81 -29.39 15.81
N THR D 75 14.98 -30.41 15.98
CA THR D 75 14.67 -30.92 17.32
C THR D 75 15.94 -31.38 18.03
N ARG D 76 16.80 -32.11 17.33
CA ARG D 76 18.04 -32.59 17.94
C ARG D 76 18.99 -31.44 18.26
N ASP D 77 19.07 -30.44 17.38
CA ASP D 77 20.00 -29.34 17.59
C ASP D 77 19.59 -28.48 18.76
N VAL D 78 18.28 -28.27 18.96
CA VAL D 78 17.81 -27.46 20.08
C VAL D 78 18.15 -28.14 21.40
N LYS D 79 17.93 -29.45 21.49
CA LYS D 79 18.24 -30.17 22.72
C LYS D 79 19.74 -30.13 23.03
N GLU D 80 20.58 -30.13 21.99
CA GLU D 80 22.02 -30.01 22.21
C GLU D 80 22.38 -28.59 22.61
N PHE D 81 21.72 -27.58 22.02
CA PHE D 81 21.97 -26.20 22.40
C PHE D 81 21.59 -25.97 23.86
N ALA D 82 20.45 -26.51 24.30
CA ALA D 82 20.03 -26.34 25.69
C ALA D 82 21.04 -26.97 26.64
N LYS D 83 21.62 -28.12 26.26
CA LYS D 83 22.67 -28.71 27.05
C LYS D 83 23.98 -27.94 26.93
N MET D 84 24.31 -27.51 25.71
CA MET D 84 25.55 -26.76 25.48
C MET D 84 25.50 -25.41 26.21
N LEU D 85 24.38 -24.70 26.12
CA LEU D 85 24.24 -23.38 26.67
C LEU D 85 23.61 -23.37 28.06
N ARG D 86 23.30 -24.53 28.61
CA ARG D 86 22.72 -24.66 29.96
C ARG D 86 21.45 -23.83 30.10
N LEU D 87 20.59 -23.95 29.10
CA LEU D 87 19.26 -23.33 29.13
C LEU D 87 18.26 -24.33 29.70
N SER D 88 17.41 -23.85 30.60
CA SER D 88 16.47 -24.72 31.30
C SER D 88 15.16 -24.84 30.54
N TYR D 89 14.59 -26.04 30.54
CA TYR D 89 13.28 -26.28 29.97
C TYR D 89 12.20 -25.66 30.86
N PRO D 90 11.02 -25.34 30.30
CA PRO D 90 10.58 -25.53 28.90
C PRO D 90 11.15 -24.52 27.93
N LEU D 91 11.25 -24.89 26.65
CA LEU D 91 11.75 -24.03 25.59
C LEU D 91 10.66 -23.82 24.55
N GLU D 92 10.45 -22.58 24.13
CA GLU D 92 9.47 -22.23 23.12
C GLU D 92 10.19 -21.55 21.97
N LEU D 93 10.21 -22.18 20.80
CA LEU D 93 10.88 -21.64 19.64
C LEU D 93 9.89 -21.47 18.49
N GLN D 94 9.99 -20.32 17.81
CA GLN D 94 9.15 -19.99 16.67
C GLN D 94 10.02 -19.53 15.51
N VAL D 95 9.64 -19.91 14.31
CA VAL D 95 10.32 -19.49 13.09
C VAL D 95 9.29 -18.85 12.17
N SER D 96 9.63 -17.69 11.63
CA SER D 96 8.80 -17.01 10.64
C SER D 96 9.69 -16.74 9.43
N ALA D 97 9.43 -17.46 8.34
CA ALA D 97 10.26 -17.38 7.14
C ALA D 97 9.37 -17.35 5.92
N GLY D 98 9.90 -16.78 4.85
CA GLY D 98 9.17 -16.72 3.59
C GLY D 98 9.73 -15.64 2.71
N CYS D 99 8.89 -15.20 1.76
CA CYS D 99 9.28 -14.18 0.79
C CYS D 99 8.02 -13.56 0.23
N GLU D 100 8.19 -12.52 -0.57
CA GLU D 100 7.10 -11.89 -1.28
C GLU D 100 7.54 -11.53 -2.68
N VAL D 101 6.65 -11.70 -3.65
CA VAL D 101 6.92 -11.35 -5.05
C VAL D 101 6.10 -10.11 -5.37
N HIS D 102 6.80 -9.02 -5.64
CA HIS D 102 6.24 -7.71 -5.92
C HIS D 102 5.87 -7.58 -7.39
N PRO D 103 4.78 -6.87 -7.70
CA PRO D 103 4.41 -6.64 -9.11
C PRO D 103 5.55 -5.99 -9.85
N GLY D 104 5.98 -6.65 -10.93
CA GLY D 104 7.22 -6.33 -11.61
C GLY D 104 8.32 -7.35 -11.41
N ASN D 105 8.05 -8.40 -10.64
CA ASN D 105 8.88 -9.59 -10.43
C ASN D 105 10.02 -9.38 -9.44
N ALA D 106 10.04 -8.28 -8.71
CA ALA D 106 11.03 -8.13 -7.65
C ALA D 106 10.70 -9.04 -6.48
N SER D 107 11.75 -9.45 -5.75
CA SER D 107 11.55 -10.37 -4.64
C SER D 107 12.45 -9.99 -3.47
N ASN D 108 11.98 -10.33 -2.27
CA ASN D 108 12.71 -10.17 -1.03
C ASN D 108 12.19 -11.20 -0.04
N ASN D 109 12.98 -11.51 0.97
CA ASN D 109 12.68 -12.63 1.86
C ASN D 109 13.00 -12.25 3.30
N PHE D 110 12.76 -13.21 4.20
CA PHE D 110 12.96 -13.02 5.63
C PHE D 110 13.03 -14.39 6.30
N PHE D 111 13.73 -14.43 7.43
CA PHE D 111 13.87 -15.66 8.21
C PHE D 111 14.20 -15.23 9.65
N HIS D 112 13.16 -15.11 10.47
CA HIS D 112 13.29 -14.66 11.85
C HIS D 112 13.01 -15.79 12.82
N VAL D 113 13.83 -15.89 13.87
CA VAL D 113 13.71 -16.93 14.89
C VAL D 113 13.45 -16.26 16.23
N ALA D 114 12.49 -16.80 16.98
CA ALA D 114 12.14 -16.29 18.30
C ALA D 114 12.33 -17.37 19.35
N PHE D 115 12.70 -16.93 20.55
CA PHE D 115 12.92 -17.82 21.70
C PHE D 115 12.13 -17.26 22.87
N GLN D 116 11.22 -18.07 23.40
CA GLN D 116 10.31 -17.66 24.48
C GLN D 116 9.53 -16.40 24.12
N GLY D 117 9.20 -16.25 22.84
CA GLY D 117 8.42 -15.11 22.39
C GLY D 117 9.20 -13.87 22.05
N LYS D 118 10.53 -13.93 22.02
CA LYS D 118 11.36 -12.78 21.74
C LYS D 118 12.34 -13.12 20.62
N ASP D 119 12.51 -12.18 19.68
CA ASP D 119 13.50 -12.34 18.63
C ASP D 119 14.88 -12.55 19.23
N ILE D 120 15.63 -13.51 18.66
CA ILE D 120 16.98 -13.77 19.14
C ILE D 120 17.97 -13.71 17.98
N LEU D 121 17.54 -14.14 16.79
CA LEU D 121 18.45 -14.19 15.64
C LEU D 121 17.62 -14.30 14.37
N SER D 122 18.30 -14.03 13.24
CA SER D 122 17.67 -14.09 11.93
C SER D 122 18.74 -14.43 10.90
N PHE D 123 18.28 -14.85 9.72
CA PHE D 123 19.16 -15.17 8.61
C PHE D 123 19.18 -13.99 7.64
N GLN D 124 20.34 -13.37 7.47
CA GLN D 124 20.50 -12.19 6.62
C GLN D 124 21.55 -12.49 5.56
N GLY D 125 21.11 -12.58 4.31
CA GLY D 125 22.04 -12.81 3.22
C GLY D 125 22.50 -14.25 3.13
N THR D 126 23.68 -14.54 3.67
CA THR D 126 24.24 -15.88 3.67
C THR D 126 24.58 -16.40 5.06
N SER D 127 24.30 -15.65 6.11
CA SER D 127 24.72 -16.04 7.46
C SER D 127 23.65 -15.67 8.47
N TRP D 128 23.80 -16.21 9.68
CA TRP D 128 22.91 -15.91 10.78
C TRP D 128 23.40 -14.67 11.53
N GLU D 129 22.46 -13.82 11.92
CA GLU D 129 22.79 -12.58 12.63
C GLU D 129 21.96 -12.50 13.91
N PRO D 130 22.58 -12.11 15.02
CA PRO D 130 21.83 -11.99 16.27
C PRO D 130 20.99 -10.72 16.31
N THR D 131 19.85 -10.82 17.00
CA THR D 131 19.02 -9.65 17.25
C THR D 131 19.75 -8.68 18.17
N GLN D 132 19.55 -7.38 17.94
CA GLN D 132 20.18 -6.37 18.78
C GLN D 132 19.75 -6.56 20.23
N GLU D 133 20.70 -6.43 21.15
CA GLU D 133 20.45 -6.59 22.58
C GLU D 133 19.85 -7.96 22.90
N ALA D 134 20.52 -9.01 22.44
CA ALA D 134 20.12 -10.39 22.63
C ALA D 134 20.90 -11.00 23.79
N PRO D 135 20.39 -12.07 24.40
CA PRO D 135 21.13 -12.71 25.50
C PRO D 135 22.51 -13.16 25.05
N LEU D 136 23.40 -13.30 26.04
CA LEU D 136 24.80 -13.57 25.75
C LEU D 136 24.99 -14.90 25.03
N TRP D 137 24.19 -15.91 25.39
CA TRP D 137 24.35 -17.23 24.79
C TRP D 137 24.03 -17.24 23.30
N VAL D 138 23.26 -16.27 22.81
CA VAL D 138 22.92 -16.22 21.39
C VAL D 138 24.18 -16.02 20.55
N ASN D 139 25.17 -15.31 21.08
CA ASN D 139 26.42 -15.14 20.35
C ASN D 139 27.11 -16.47 20.12
N LEU D 140 27.05 -17.38 21.09
CA LEU D 140 27.60 -18.72 20.89
C LEU D 140 26.78 -19.51 19.89
N ALA D 141 25.45 -19.36 19.94
CA ALA D 141 24.59 -20.04 18.98
C ALA D 141 24.90 -19.57 17.56
N ILE D 142 25.01 -18.25 17.37
CA ILE D 142 25.43 -17.70 16.08
C ILE D 142 26.77 -18.28 15.67
N GLN D 143 27.71 -18.35 16.62
CA GLN D 143 29.05 -18.87 16.34
C GLN D 143 29.01 -20.31 15.84
N VAL D 144 28.15 -21.13 16.43
CA VAL D 144 28.05 -22.52 16.00
C VAL D 144 27.31 -22.63 14.68
N LEU D 145 26.23 -21.87 14.51
CA LEU D 145 25.38 -22.00 13.33
C LEU D 145 26.12 -21.61 12.05
N ASN D 146 26.94 -20.57 12.11
CA ASN D 146 27.61 -20.10 10.89
C ASN D 146 28.74 -21.02 10.44
N GLN D 147 29.14 -21.98 11.26
CA GLN D 147 30.10 -22.99 10.82
C GLN D 147 29.48 -24.03 9.90
N ASP D 148 28.16 -24.12 9.85
CA ASP D 148 27.44 -25.13 9.07
C ASP D 148 27.23 -24.57 7.67
N LYS D 149 28.18 -24.86 6.77
CA LYS D 149 28.13 -24.28 5.43
C LYS D 149 27.04 -24.93 4.57
N TRP D 150 26.68 -26.17 4.84
CA TRP D 150 25.64 -26.83 4.05
C TRP D 150 24.27 -26.27 4.37
N THR D 151 23.97 -26.06 5.65
CA THR D 151 22.68 -25.48 6.02
C THR D 151 22.57 -24.04 5.53
N ARG D 152 23.65 -23.26 5.67
CA ARG D 152 23.62 -21.88 5.18
C ARG D 152 23.36 -21.82 3.69
N GLU D 153 23.97 -22.73 2.92
CA GLU D 153 23.72 -22.76 1.49
C GLU D 153 22.28 -23.15 1.18
N THR D 154 21.73 -24.11 1.93
CA THR D 154 20.37 -24.57 1.68
C THR D 154 19.35 -23.49 2.03
N VAL D 155 19.56 -22.78 3.14
CA VAL D 155 18.62 -21.73 3.54
C VAL D 155 18.62 -20.61 2.50
N GLN D 156 19.80 -20.24 2.00
CA GLN D 156 19.87 -19.20 0.96
C GLN D 156 19.16 -19.66 -0.31
N TRP D 157 19.34 -20.93 -0.68
CA TRP D 157 18.63 -21.47 -1.84
C TRP D 157 17.12 -21.38 -1.66
N LEU D 158 16.63 -21.74 -0.48
CA LEU D 158 15.19 -21.74 -0.24
C LEU D 158 14.61 -20.34 -0.26
N LEU D 159 15.29 -19.38 0.39
CA LEU D 159 14.74 -18.03 0.50
C LEU D 159 14.85 -17.28 -0.82
N ASN D 160 16.01 -17.34 -1.47
CA ASN D 160 16.25 -16.55 -2.67
C ASN D 160 15.83 -17.25 -3.95
N GLY D 161 15.70 -18.57 -3.93
CA GLY D 161 15.36 -19.30 -5.14
C GLY D 161 14.05 -20.06 -5.07
N THR D 162 13.92 -20.95 -4.08
CA THR D 162 12.73 -21.79 -4.01
C THR D 162 11.47 -20.97 -3.71
N CYS D 163 11.55 -20.08 -2.72
CA CYS D 163 10.36 -19.33 -2.32
C CYS D 163 9.83 -18.41 -3.42
N PRO D 164 10.64 -17.58 -4.08
CA PRO D 164 10.08 -16.71 -5.14
C PRO D 164 9.45 -17.49 -6.27
N GLN D 165 10.04 -18.62 -6.66
CA GLN D 165 9.43 -19.44 -7.71
C GLN D 165 8.16 -20.12 -7.22
N PHE D 166 8.15 -20.54 -5.94
CA PHE D 166 6.95 -21.14 -5.38
C PHE D 166 5.80 -20.14 -5.34
N VAL D 167 6.09 -18.91 -4.88
CA VAL D 167 5.07 -17.88 -4.78
C VAL D 167 4.52 -17.54 -6.16
N SER D 168 5.41 -17.42 -7.16
CA SER D 168 4.96 -17.09 -8.51
C SER D 168 3.98 -18.13 -9.05
N GLY D 169 4.28 -19.41 -8.82
CA GLY D 169 3.34 -20.44 -9.22
C GLY D 169 2.03 -20.38 -8.45
N LEU D 170 2.11 -20.08 -7.15
CA LEU D 170 0.91 -19.97 -6.33
C LEU D 170 0.03 -18.80 -6.74
N LEU D 171 0.66 -17.66 -7.08
CA LEU D 171 -0.12 -16.49 -7.50
C LEU D 171 -0.92 -16.77 -8.77
N GLU D 172 -0.44 -17.67 -9.61
CA GLU D 172 -1.18 -18.02 -10.82
CA GLU D 172 -1.14 -18.06 -10.83
C GLU D 172 -2.16 -19.17 -10.59
N SER D 173 -1.76 -20.19 -9.82
CA SER D 173 -2.66 -21.31 -9.58
C SER D 173 -3.85 -20.91 -8.70
N GLY D 174 -3.63 -20.01 -7.75
CA GLY D 174 -4.69 -19.57 -6.87
C GLY D 174 -5.19 -18.17 -7.14
N LYS D 175 -5.04 -17.69 -8.39
CA LYS D 175 -5.42 -16.32 -8.70
C LYS D 175 -6.90 -16.07 -8.44
N SER D 176 -7.75 -17.06 -8.75
CA SER D 176 -9.18 -16.89 -8.57
C SER D 176 -9.55 -16.71 -7.11
N GLU D 177 -8.96 -17.53 -6.23
CA GLU D 177 -9.29 -17.44 -4.81
C GLU D 177 -8.60 -16.27 -4.13
N LEU D 178 -7.40 -15.89 -4.58
CA LEU D 178 -6.69 -14.78 -3.95
C LEU D 178 -7.34 -13.45 -4.27
N LYS D 179 -7.90 -13.30 -5.47
CA LYS D 179 -8.56 -12.07 -5.88
C LYS D 179 -10.07 -12.10 -5.66
N LYS D 180 -10.61 -13.18 -5.08
CA LYS D 180 -12.03 -13.28 -4.83
C LYS D 180 -12.52 -12.14 -3.95
N GLN D 181 -13.76 -11.72 -4.17
CA GLN D 181 -14.41 -10.68 -3.38
C GLN D 181 -15.74 -11.22 -2.86
N VAL D 182 -15.92 -11.17 -1.54
CA VAL D 182 -17.13 -11.64 -0.90
C VAL D 182 -17.79 -10.47 -0.19
N LYS D 183 -19.07 -10.22 -0.51
CA LYS D 183 -19.76 -9.07 0.05
C LYS D 183 -20.17 -9.34 1.49
N PRO D 184 -19.95 -8.38 2.39
CA PRO D 184 -20.41 -8.55 3.78
C PRO D 184 -21.89 -8.26 3.95
N LYS D 185 -22.46 -8.87 4.98
CA LYS D 185 -23.80 -8.56 5.44
C LYS D 185 -23.73 -7.95 6.84
N ALA D 186 -24.52 -6.91 7.06
CA ALA D 186 -24.45 -6.13 8.29
C ALA D 186 -25.82 -6.10 8.98
N TRP D 187 -25.79 -5.80 10.28
CA TRP D 187 -27.01 -5.69 11.06
C TRP D 187 -26.71 -4.89 12.32
N LEU D 188 -27.74 -4.22 12.83
CA LEU D 188 -27.62 -3.37 14.00
C LEU D 188 -28.18 -4.07 15.24
N SER D 189 -27.76 -3.58 16.40
CA SER D 189 -28.15 -4.18 17.67
C SER D 189 -28.06 -3.12 18.75
N ARG D 190 -28.56 -3.47 19.94
CA ARG D 190 -28.46 -2.62 21.11
C ARG D 190 -27.38 -3.14 22.06
N GLY D 191 -26.85 -2.23 22.87
CA GLY D 191 -25.81 -2.56 23.81
C GLY D 191 -26.02 -1.90 25.15
N PRO D 192 -25.20 -2.26 26.14
CA PRO D 192 -25.30 -1.62 27.47
C PRO D 192 -24.97 -0.14 27.38
N SER D 193 -25.87 0.68 27.91
CA SER D 193 -25.66 2.12 27.90
C SER D 193 -24.42 2.47 28.71
N PRO D 194 -23.47 3.23 28.14
CA PRO D 194 -22.27 3.64 28.87
C PRO D 194 -22.57 4.54 30.06
N LEU D 200 -25.36 2.88 23.76
CA LEU D 200 -24.24 2.37 22.98
C LEU D 200 -24.73 1.64 21.74
N LEU D 201 -24.71 2.34 20.60
CA LEU D 201 -25.12 1.74 19.33
C LEU D 201 -23.99 0.89 18.77
N VAL D 202 -24.32 -0.35 18.39
CA VAL D 202 -23.35 -1.33 17.91
C VAL D 202 -23.72 -1.71 16.49
N CYS D 203 -22.72 -1.75 15.60
CA CYS D 203 -22.89 -2.06 14.19
C CYS D 203 -22.04 -3.27 13.85
N HIS D 204 -22.69 -4.37 13.47
CA HIS D 204 -22.02 -5.61 13.13
C HIS D 204 -21.78 -5.72 11.63
N VAL D 205 -20.60 -6.20 11.26
CA VAL D 205 -20.24 -6.45 9.85
C VAL D 205 -19.52 -7.80 9.79
N SER D 206 -20.12 -8.75 9.09
CA SER D 206 -19.57 -10.10 9.02
C SER D 206 -19.68 -10.66 7.60
N GLY D 207 -18.72 -11.51 7.24
CA GLY D 207 -18.78 -12.24 6.00
C GLY D 207 -17.99 -11.66 4.83
N PHE D 208 -17.14 -10.67 5.07
CA PHE D 208 -16.41 -10.03 3.99
C PHE D 208 -15.05 -10.67 3.77
N TYR D 209 -14.58 -10.61 2.52
CA TYR D 209 -13.28 -11.08 2.08
C TYR D 209 -12.89 -10.22 0.89
N PRO D 210 -11.66 -9.69 0.83
CA PRO D 210 -10.56 -9.86 1.80
C PRO D 210 -10.72 -9.03 3.06
N LYS D 211 -9.66 -8.96 3.86
CA LYS D 211 -9.67 -8.39 5.21
C LYS D 211 -9.85 -6.86 5.26
N PRO D 212 -9.23 -6.07 4.39
CA PRO D 212 -9.37 -4.61 4.50
C PRO D 212 -10.83 -4.17 4.43
N VAL D 213 -11.23 -3.34 5.40
CA VAL D 213 -12.60 -2.87 5.53
C VAL D 213 -12.58 -1.52 6.22
N TRP D 214 -13.68 -0.77 6.07
CA TRP D 214 -13.82 0.55 6.66
C TRP D 214 -15.23 0.69 7.23
N VAL D 215 -15.33 0.93 8.53
CA VAL D 215 -16.61 1.05 9.21
C VAL D 215 -16.54 2.22 10.18
N LYS D 216 -17.43 3.18 10.03
CA LYS D 216 -17.52 4.34 10.92
C LYS D 216 -18.97 4.80 10.99
N TRP D 217 -19.35 5.35 12.14
CA TRP D 217 -20.67 5.94 12.33
C TRP D 217 -20.73 7.32 11.70
N ARG D 219 -23.97 10.16 10.97
CA ARG D 219 -25.17 10.98 10.75
C ARG D 219 -25.07 11.76 9.45
N GLY D 220 -25.74 11.29 8.40
CA GLY D 220 -25.67 11.94 7.11
C GLY D 220 -24.28 11.88 6.53
N GLU D 221 -23.65 13.04 6.37
CA GLU D 221 -22.27 13.12 5.91
C GLU D 221 -21.26 13.26 7.03
N GLN D 222 -21.72 13.58 8.25
CA GLN D 222 -20.82 13.76 9.38
C GLN D 222 -20.67 12.41 10.11
N GLU D 223 -19.44 11.92 10.16
CA GLU D 223 -19.13 10.66 10.83
C GLU D 223 -18.64 10.95 12.25
N GLN D 224 -19.36 10.41 13.23
CA GLN D 224 -18.98 10.56 14.64
C GLN D 224 -17.61 9.96 14.89
N GLN D 225 -16.60 10.80 15.10
CA GLN D 225 -15.22 10.35 15.28
C GLN D 225 -15.00 9.59 16.58
N GLY D 226 -16.02 9.46 17.43
CA GLY D 226 -15.93 8.68 18.64
C GLY D 226 -16.27 7.21 18.48
N THR D 227 -16.40 6.74 17.24
CA THR D 227 -16.68 5.33 16.99
C THR D 227 -15.55 4.47 17.52
N GLN D 228 -15.91 3.38 18.21
CA GLN D 228 -14.94 2.44 18.76
C GLN D 228 -14.90 1.19 17.89
N PRO D 229 -13.96 1.09 16.95
CA PRO D 229 -13.86 -0.14 16.15
C PRO D 229 -13.16 -1.24 16.93
N GLY D 230 -13.67 -2.46 16.79
CA GLY D 230 -13.07 -3.62 17.40
C GLY D 230 -12.02 -4.26 16.50
N ASP D 231 -11.63 -5.47 16.89
CA ASP D 231 -10.70 -6.24 16.08
C ASP D 231 -11.44 -6.93 14.93
N ILE D 232 -10.73 -7.10 13.82
CA ILE D 232 -11.26 -7.86 12.70
C ILE D 232 -11.08 -9.34 13.03
N LEU D 233 -12.21 -10.02 13.32
CA LEU D 233 -12.18 -11.39 13.81
C LEU D 233 -12.50 -12.37 12.69
N PRO D 234 -11.87 -13.55 12.71
CA PRO D 234 -12.06 -14.51 11.62
C PRO D 234 -13.28 -15.40 11.80
N ASN D 235 -13.88 -15.74 10.67
CA ASN D 235 -14.91 -16.76 10.60
C ASN D 235 -14.30 -18.06 10.11
N ALA D 236 -15.04 -19.16 10.32
CA ALA D 236 -14.54 -20.47 9.94
C ALA D 236 -14.42 -20.65 8.44
N ASP D 237 -15.18 -19.88 7.65
CA ASP D 237 -15.17 -19.98 6.20
C ASP D 237 -14.20 -19.00 5.53
N GLU D 238 -13.16 -18.57 6.26
CA GLU D 238 -12.13 -17.65 5.76
C GLU D 238 -12.71 -16.27 5.41
N THR D 239 -13.83 -15.89 6.01
CA THR D 239 -14.32 -14.53 5.96
C THR D 239 -13.99 -13.85 7.30
N TRP D 240 -14.43 -12.60 7.45
CA TRP D 240 -14.06 -11.81 8.60
C TRP D 240 -15.28 -11.16 9.22
N TYR D 241 -15.12 -10.75 10.48
CA TYR D 241 -16.19 -10.15 11.27
C TYR D 241 -15.63 -8.94 12.00
N LEU D 242 -16.43 -7.87 12.07
CA LEU D 242 -15.99 -6.65 12.72
C LEU D 242 -17.19 -5.99 13.40
N ARG D 243 -16.99 -5.55 14.63
CA ARG D 243 -18.02 -4.87 15.41
C ARG D 243 -17.56 -3.44 15.69
N ALA D 244 -18.47 -2.48 15.49
CA ALA D 244 -18.19 -1.07 15.71
C ALA D 244 -19.27 -0.48 16.62
N THR D 245 -18.83 0.19 17.68
CA THR D 245 -19.74 0.71 18.69
C THR D 245 -19.62 2.22 18.79
N LEU D 246 -20.66 2.84 19.36
CA LEU D 246 -20.70 4.28 19.54
C LEU D 246 -21.50 4.66 20.78
N VAL D 248 -22.27 7.28 24.19
CA VAL D 248 -23.03 8.13 23.27
C VAL D 248 -24.13 8.86 24.03
N VAL D 249 -24.40 10.11 23.64
CA VAL D 249 -25.54 10.82 24.20
C VAL D 249 -26.83 10.17 23.71
N ALA D 250 -27.77 9.97 24.64
CA ALA D 250 -28.99 9.25 24.31
C ALA D 250 -29.83 9.97 23.27
N GLY D 251 -29.93 11.30 23.38
CA GLY D 251 -30.73 12.05 22.43
C GLY D 251 -30.16 12.08 21.03
N GLU D 252 -28.83 12.25 20.90
CA GLU D 252 -28.19 12.35 19.60
C GLU D 252 -28.27 11.06 18.80
N ALA D 253 -28.43 9.91 19.46
CA ALA D 253 -28.48 8.64 18.74
C ALA D 253 -29.57 8.63 17.66
N ALA D 254 -30.64 9.38 17.85
CA ALA D 254 -31.72 9.41 16.87
C ALA D 254 -31.23 10.11 15.59
N GLY D 255 -31.17 9.36 14.50
CA GLY D 255 -30.71 9.87 13.23
C GLY D 255 -29.30 9.51 12.84
N LEU D 256 -28.64 8.65 13.62
CA LEU D 256 -27.29 8.19 13.32
C LEU D 256 -27.33 6.96 12.41
N SER D 257 -26.29 6.81 11.60
CA SER D 257 -26.23 5.73 10.62
C SER D 257 -24.83 5.15 10.58
N CYS D 258 -24.77 3.84 10.26
CA CYS D 258 -23.52 3.11 10.13
C CYS D 258 -23.18 2.92 8.66
N ARG D 259 -21.98 3.33 8.27
CA ARG D 259 -21.52 3.25 6.89
C ARG D 259 -20.39 2.24 6.78
N VAL D 260 -20.46 1.36 5.80
CA VAL D 260 -19.49 0.29 5.60
C VAL D 260 -18.91 0.41 4.20
N LYS D 261 -17.58 0.49 4.12
CA LYS D 261 -16.86 0.52 2.85
C LYS D 261 -16.06 -0.76 2.70
N HIS D 262 -16.24 -1.45 1.57
CA HIS D 262 -15.50 -2.67 1.29
C HIS D 262 -15.31 -2.79 -0.22
N SER D 263 -14.19 -3.43 -0.60
CA SER D 263 -13.86 -3.55 -2.01
C SER D 263 -14.90 -4.36 -2.78
N SER D 264 -15.52 -5.34 -2.13
CA SER D 264 -16.49 -6.20 -2.80
C SER D 264 -17.79 -5.47 -3.14
N LEU D 265 -18.04 -4.31 -2.55
CA LEU D 265 -19.30 -3.61 -2.77
C LEU D 265 -19.35 -2.83 -4.07
N GLU D 266 -18.20 -2.62 -4.73
CA GLU D 266 -18.14 -1.95 -6.03
C GLU D 266 -18.78 -0.56 -5.97
N GLY D 267 -18.48 0.17 -4.88
CA GLY D 267 -19.00 1.52 -4.71
C GLY D 267 -20.37 1.60 -4.10
N GLN D 268 -21.11 0.50 -4.02
CA GLN D 268 -22.45 0.48 -3.44
C GLN D 268 -22.32 0.19 -1.94
N ASP D 269 -22.04 1.25 -1.19
CA ASP D 269 -21.84 1.14 0.24
C ASP D 269 -23.10 0.60 0.93
N ILE D 270 -22.88 -0.09 2.04
CA ILE D 270 -23.98 -0.55 2.88
C ILE D 270 -24.29 0.57 3.87
N VAL D 271 -25.54 1.01 3.89
CA VAL D 271 -25.99 2.09 4.77
C VAL D 271 -27.16 1.55 5.59
N LEU D 272 -26.99 1.52 6.90
CA LEU D 272 -28.03 1.05 7.81
C LEU D 272 -28.36 2.16 8.81
N TYR D 273 -29.60 2.64 8.74
CA TYR D 273 -30.07 3.69 9.65
C TYR D 273 -30.79 3.04 10.82
N TRP D 274 -30.61 3.62 12.01
CA TRP D 274 -31.29 3.11 13.19
C TRP D 274 -32.76 3.53 13.21
N GLY D 275 -33.62 2.61 13.61
CA GLY D 275 -35.05 2.87 13.66
C GLY D 275 -35.83 2.10 12.62
N ILE E 2 8.76 -13.74 28.87
CA ILE E 2 7.62 -13.51 29.74
C ILE E 2 6.37 -14.12 29.11
N GLN E 3 5.31 -14.24 29.90
CA GLN E 3 4.07 -14.90 29.50
C GLN E 3 2.98 -13.86 29.27
N ARG E 4 2.06 -14.17 28.35
CA ARG E 4 0.99 -13.27 27.97
C ARG E 4 -0.35 -13.99 28.11
N THR E 5 -1.32 -13.32 28.73
CA THR E 5 -2.63 -13.92 28.99
C THR E 5 -3.50 -13.86 27.73
N PRO E 6 -4.32 -14.88 27.50
CA PRO E 6 -5.11 -14.92 26.26
C PRO E 6 -6.29 -13.95 26.29
N LYS E 7 -6.56 -13.35 25.13
CA LYS E 7 -7.77 -12.57 24.91
C LYS E 7 -8.84 -13.48 24.32
N ILE E 8 -10.05 -13.39 24.86
CA ILE E 8 -11.13 -14.32 24.52
C ILE E 8 -12.32 -13.51 24.01
N GLN E 9 -12.75 -13.80 22.78
CA GLN E 9 -13.86 -13.11 22.16
C GLN E 9 -14.80 -14.14 21.55
N VAL E 10 -16.09 -14.03 21.85
CA VAL E 10 -17.10 -14.97 21.39
C VAL E 10 -18.08 -14.23 20.49
N TYR E 11 -18.44 -14.85 19.38
CA TYR E 11 -19.32 -14.23 18.39
C TYR E 11 -19.89 -15.31 17.48
N SER E 12 -20.99 -14.98 16.81
CA SER E 12 -21.66 -15.89 15.90
C SER E 12 -21.40 -15.49 14.46
N ARG E 13 -21.47 -16.49 13.57
CA ARG E 13 -21.25 -16.24 12.15
C ARG E 13 -22.36 -15.35 11.59
N HIS E 14 -23.62 -15.72 11.83
CA HIS E 14 -24.79 -15.01 11.38
C HIS E 14 -25.51 -14.38 12.57
N PRO E 15 -26.42 -13.43 12.33
CA PRO E 15 -27.22 -12.90 13.44
C PRO E 15 -28.05 -13.98 14.09
N ALA E 16 -28.19 -13.88 15.42
CA ALA E 16 -28.87 -14.91 16.19
C ALA E 16 -30.36 -14.89 15.90
N GLU E 17 -30.86 -16.00 15.34
CA GLU E 17 -32.28 -16.19 15.09
C GLU E 17 -32.69 -17.54 15.66
N ASN E 18 -33.59 -17.53 16.64
CA ASN E 18 -33.99 -18.76 17.30
C ASN E 18 -34.64 -19.71 16.31
N GLY E 19 -34.13 -20.95 16.24
CA GLY E 19 -34.61 -21.95 15.32
C GLY E 19 -33.85 -22.04 14.03
N LYS E 20 -32.92 -21.13 13.77
CA LYS E 20 -32.11 -21.14 12.56
C LYS E 20 -30.69 -21.56 12.91
N SER E 21 -30.14 -22.48 12.12
CA SER E 21 -28.80 -22.99 12.36
C SER E 21 -27.78 -21.86 12.21
N ASN E 22 -26.67 -22.00 12.95
CA ASN E 22 -25.65 -20.96 12.99
C ASN E 22 -24.35 -21.57 13.49
N PHE E 23 -23.29 -20.77 13.49
CA PHE E 23 -21.98 -21.18 13.99
C PHE E 23 -21.57 -20.23 15.10
N LEU E 24 -21.10 -20.81 16.21
CA LEU E 24 -20.58 -20.04 17.34
C LEU E 24 -19.07 -20.06 17.29
N ASN E 25 -18.46 -18.88 17.30
CA ASN E 25 -17.01 -18.74 17.21
C ASN E 25 -16.44 -18.27 18.54
N CYS E 26 -15.29 -18.83 18.92
CA CYS E 26 -14.50 -18.34 20.05
C CYS E 26 -13.09 -18.10 19.56
N TYR E 27 -12.68 -16.83 19.57
CA TYR E 27 -11.37 -16.44 19.07
C TYR E 27 -10.47 -16.12 20.26
N VAL E 28 -9.42 -16.92 20.43
CA VAL E 28 -8.47 -16.78 21.53
C VAL E 28 -7.14 -16.33 20.93
N SER E 29 -6.63 -15.20 21.39
CA SER E 29 -5.49 -14.57 20.74
C SER E 29 -4.59 -13.90 21.78
N GLY E 30 -3.36 -13.60 21.35
CA GLY E 30 -2.45 -12.81 22.14
C GLY E 30 -1.81 -13.51 23.32
N PHE E 31 -1.78 -14.83 23.33
CA PHE E 31 -1.26 -15.58 24.46
C PHE E 31 0.10 -16.19 24.14
N HIS E 32 0.85 -16.48 25.20
CA HIS E 32 2.15 -17.12 25.10
C HIS E 32 2.47 -17.75 26.45
N PRO E 33 2.95 -19.01 26.50
CA PRO E 33 3.29 -19.91 25.39
C PRO E 33 2.08 -20.53 24.69
N SER E 34 2.34 -21.50 23.81
CA SER E 34 1.32 -22.02 22.91
C SER E 34 0.35 -22.97 23.59
N ASP E 35 0.78 -23.66 24.64
CA ASP E 35 -0.09 -24.65 25.29
C ASP E 35 -1.33 -23.98 25.86
N ILE E 36 -2.50 -24.46 25.45
CA ILE E 36 -3.77 -23.84 25.84
C ILE E 36 -4.87 -24.88 25.72
N GLU E 37 -5.90 -24.74 26.55
CA GLU E 37 -7.07 -25.60 26.51
C GLU E 37 -8.30 -24.72 26.30
N VAL E 38 -9.05 -24.98 25.23
CA VAL E 38 -10.24 -24.20 24.89
C VAL E 38 -11.42 -25.15 24.73
N ASP E 39 -12.53 -24.83 25.38
CA ASP E 39 -13.74 -25.61 25.30
C ASP E 39 -14.93 -24.69 25.08
N LEU E 40 -15.88 -25.14 24.26
CA LEU E 40 -17.14 -24.43 24.04
C LEU E 40 -18.21 -25.10 24.88
N LEU E 41 -18.97 -24.30 25.62
CA LEU E 41 -19.91 -24.79 26.60
C LEU E 41 -21.34 -24.45 26.20
N LYS E 42 -22.24 -25.41 26.39
CA LYS E 42 -23.68 -25.18 26.24
C LYS E 42 -24.31 -25.51 27.59
N ASN E 43 -24.86 -24.49 28.25
CA ASN E 43 -25.43 -24.61 29.59
C ASN E 43 -24.41 -25.21 30.56
N GLY E 44 -23.14 -24.83 30.39
CA GLY E 44 -22.07 -25.23 31.28
C GLY E 44 -21.42 -26.56 30.96
N GLU E 45 -21.94 -27.31 29.99
CA GLU E 45 -21.38 -28.60 29.62
C GLU E 45 -20.63 -28.50 28.29
N ARG E 46 -19.56 -29.29 28.17
CA ARG E 46 -18.71 -29.23 26.99
C ARG E 46 -19.44 -29.76 25.76
N ILE E 47 -19.35 -29.01 24.67
CA ILE E 47 -19.90 -29.44 23.38
C ILE E 47 -18.93 -30.42 22.74
N GLU E 48 -19.45 -31.53 22.23
CA GLU E 48 -18.60 -32.59 21.69
C GLU E 48 -18.02 -32.20 20.34
N LYS E 49 -18.89 -31.89 19.37
CA LYS E 49 -18.46 -31.63 18.00
C LYS E 49 -18.00 -30.18 17.89
N VAL E 50 -16.72 -29.96 18.20
CA VAL E 50 -16.08 -28.65 18.10
C VAL E 50 -14.82 -28.79 17.27
N GLU E 51 -14.64 -27.90 16.30
CA GLU E 51 -13.46 -27.89 15.44
C GLU E 51 -12.66 -26.61 15.71
N HIS E 52 -11.37 -26.67 15.39
CA HIS E 52 -10.49 -25.53 15.58
C HIS E 52 -9.55 -25.40 14.39
N SER E 53 -9.20 -24.17 14.05
CA SER E 53 -8.18 -23.92 13.05
C SER E 53 -6.80 -24.29 13.60
N ASP E 54 -5.83 -24.37 12.71
CA ASP E 54 -4.47 -24.63 13.15
C ASP E 54 -3.93 -23.48 13.98
N LEU E 55 -3.24 -23.81 15.06
CA LEU E 55 -2.57 -22.81 15.88
C LEU E 55 -1.60 -22.00 15.04
N SER E 56 -1.71 -20.68 15.12
CA SER E 56 -0.85 -19.75 14.40
C SER E 56 -0.37 -18.68 15.36
N PHE E 57 0.47 -17.76 14.87
CA PHE E 57 0.92 -16.65 15.70
C PHE E 57 1.06 -15.40 14.83
N SER E 58 1.02 -14.25 15.50
CA SER E 58 1.06 -12.96 14.85
C SER E 58 2.50 -12.46 14.71
N LYS E 59 2.64 -11.25 14.18
CA LYS E 59 3.97 -10.66 13.98
C LYS E 59 4.72 -10.53 15.29
N ASP E 60 4.03 -10.20 16.38
CA ASP E 60 4.66 -10.06 17.69
C ASP E 60 4.91 -11.40 18.38
N TRP E 61 4.72 -12.51 17.68
CA TRP E 61 4.97 -13.88 18.09
C TRP E 61 3.88 -14.45 19.01
N SER E 62 2.88 -13.67 19.40
CA SER E 62 1.80 -14.19 20.22
C SER E 62 0.86 -15.05 19.40
N PHE E 63 0.32 -16.09 20.03
CA PHE E 63 -0.47 -17.09 19.33
C PHE E 63 -1.94 -16.68 19.27
N TYR E 64 -2.65 -17.26 18.30
CA TYR E 64 -4.09 -17.07 18.20
C TYR E 64 -4.72 -18.35 17.66
N LEU E 65 -5.99 -18.56 18.02
CA LEU E 65 -6.69 -19.79 17.69
C LEU E 65 -8.17 -19.49 17.53
N LEU E 66 -8.81 -20.14 16.57
CA LEU E 66 -10.25 -20.01 16.33
C LEU E 66 -10.94 -21.35 16.57
N TYR E 67 -11.86 -21.37 17.53
CA TYR E 67 -12.74 -22.51 17.76
C TYR E 67 -14.15 -22.17 17.29
N TYR E 68 -14.84 -23.17 16.75
CA TYR E 68 -16.17 -22.96 16.20
C TYR E 68 -16.95 -24.25 16.26
N THR E 69 -18.27 -24.13 16.33
CA THR E 69 -19.16 -25.29 16.35
C THR E 69 -20.50 -24.92 15.75
N GLU E 70 -21.14 -25.90 15.12
CA GLU E 70 -22.49 -25.74 14.60
C GLU E 70 -23.49 -25.82 15.74
N PHE E 71 -24.45 -24.89 15.75
CA PHE E 71 -25.46 -24.87 16.81
C PHE E 71 -26.70 -24.15 16.30
N THR E 72 -27.81 -24.42 16.96
CA THR E 72 -29.09 -23.77 16.67
C THR E 72 -29.59 -23.15 17.97
N PRO E 73 -29.52 -21.84 18.13
CA PRO E 73 -29.82 -21.24 19.43
C PRO E 73 -31.32 -21.23 19.72
N THR E 74 -31.64 -21.29 21.01
CA THR E 74 -33.00 -21.14 21.51
C THR E 74 -33.05 -19.96 22.47
N GLU E 75 -34.26 -19.69 22.99
CA GLU E 75 -34.43 -18.53 23.85
C GLU E 75 -33.73 -18.71 25.20
N LYS E 76 -33.68 -19.94 25.72
CA LYS E 76 -33.14 -20.18 27.04
C LYS E 76 -31.71 -20.72 27.05
N ASP E 77 -31.21 -21.20 25.92
CA ASP E 77 -29.86 -21.77 25.89
C ASP E 77 -28.81 -20.66 26.04
N GLU E 78 -27.83 -20.91 26.90
CA GLU E 78 -26.71 -20.00 27.10
C GLU E 78 -25.42 -20.70 26.70
N TYR E 79 -24.59 -20.02 25.93
CA TYR E 79 -23.33 -20.57 25.43
C TYR E 79 -22.16 -19.75 25.95
N ALA E 80 -21.04 -20.43 26.18
CA ALA E 80 -19.85 -19.79 26.71
C ALA E 80 -18.61 -20.50 26.17
N CYS E 81 -17.47 -19.83 26.30
CA CYS E 81 -16.18 -20.36 25.88
C CYS E 81 -15.27 -20.40 27.09
N ARG E 82 -14.73 -21.58 27.39
CA ARG E 82 -13.89 -21.79 28.57
C ARG E 82 -12.45 -22.02 28.13
N VAL E 83 -11.53 -21.23 28.65
CA VAL E 83 -10.13 -21.23 28.26
C VAL E 83 -9.26 -21.44 29.50
N ASN E 84 -8.26 -22.30 29.38
CA ASN E 84 -7.28 -22.53 30.43
C ASN E 84 -5.89 -22.30 29.90
N HIS E 85 -5.03 -21.71 30.73
CA HIS E 85 -3.71 -21.29 30.30
C HIS E 85 -2.83 -21.09 31.53
N VAL E 86 -1.52 -21.19 31.33
CA VAL E 86 -0.59 -21.08 32.45
C VAL E 86 -0.70 -19.72 33.12
N THR E 87 -1.13 -18.70 32.39
CA THR E 87 -1.30 -17.37 32.94
C THR E 87 -2.60 -17.20 33.72
N LEU E 88 -3.41 -18.24 33.81
CA LEU E 88 -4.72 -18.17 34.46
C LEU E 88 -4.72 -19.09 35.66
N SER E 89 -5.02 -18.55 36.84
CA SER E 89 -5.10 -19.36 38.05
C SER E 89 -6.28 -20.30 38.03
N GLN E 90 -7.28 -20.04 37.20
CA GLN E 90 -8.47 -20.88 37.08
C GLN E 90 -9.04 -20.70 35.68
N PRO E 91 -9.84 -21.65 35.20
CA PRO E 91 -10.40 -21.53 33.85
C PRO E 91 -11.24 -20.26 33.71
N LYS E 92 -10.94 -19.50 32.67
CA LYS E 92 -11.63 -18.25 32.38
C LYS E 92 -12.79 -18.53 31.43
N ILE E 93 -14.00 -18.16 31.85
CA ILE E 93 -15.23 -18.46 31.12
C ILE E 93 -15.82 -17.17 30.60
N VAL E 94 -15.92 -17.04 29.28
CA VAL E 94 -16.51 -15.88 28.62
C VAL E 94 -17.81 -16.32 27.99
N LYS E 95 -18.93 -15.79 28.50
CA LYS E 95 -20.24 -16.16 27.98
C LYS E 95 -20.52 -15.46 26.66
N TRP E 96 -21.31 -16.12 25.82
CA TRP E 96 -21.75 -15.52 24.56
C TRP E 96 -22.94 -14.61 24.82
N ASP E 97 -22.76 -13.31 24.59
CA ASP E 97 -23.83 -12.34 24.73
C ASP E 97 -24.55 -12.16 23.41
N ARG E 98 -25.84 -12.47 23.38
CA ARG E 98 -26.63 -12.32 22.17
C ARG E 98 -26.76 -10.84 21.80
N ASP E 99 -27.37 -10.60 20.65
CA ASP E 99 -27.55 -9.24 20.11
C ASP E 99 -26.20 -8.54 19.94
N GLN F 1 24.11 -39.12 4.60
CA GLN F 1 22.77 -39.42 4.10
C GLN F 1 22.82 -40.26 2.83
N VAL F 2 23.82 -39.99 1.99
CA VAL F 2 24.00 -40.74 0.75
C VAL F 2 25.43 -41.21 0.66
N GLN F 3 25.62 -42.51 0.41
CA GLN F 3 26.93 -43.10 0.16
C GLN F 3 26.98 -43.56 -1.29
N LEU F 4 28.10 -43.28 -1.96
CA LEU F 4 28.24 -43.48 -3.39
C LEU F 4 29.37 -44.46 -3.68
N VAL F 5 29.13 -45.37 -4.63
CA VAL F 5 30.09 -46.39 -5.01
C VAL F 5 30.09 -46.51 -6.53
N GLU F 6 31.17 -46.06 -7.16
CA GLU F 6 31.30 -46.16 -8.60
C GLU F 6 31.75 -47.56 -9.02
N SER F 7 31.37 -47.96 -10.23
CA SER F 7 31.84 -49.20 -10.82
C SER F 7 31.77 -49.07 -12.34
N GLY F 8 32.42 -50.01 -13.02
CA GLY F 8 32.40 -50.06 -14.47
C GLY F 8 33.69 -49.64 -15.14
N GLY F 9 34.62 -49.02 -14.41
CA GLY F 9 35.86 -48.60 -15.01
C GLY F 9 36.69 -49.77 -15.52
N GLY F 10 37.54 -49.47 -16.50
CA GLY F 10 38.38 -50.49 -17.08
C GLY F 10 39.13 -49.94 -18.29
N LEU F 11 39.81 -50.85 -18.97
CA LEU F 11 40.60 -50.50 -20.15
C LEU F 11 39.74 -50.61 -21.40
N VAL F 12 39.79 -49.59 -22.24
CA VAL F 12 39.00 -49.53 -23.47
C VAL F 12 39.84 -48.87 -24.56
N GLN F 13 39.63 -49.31 -25.80
CA GLN F 13 40.36 -48.75 -26.92
C GLN F 13 39.70 -47.46 -27.40
N ALA F 14 40.51 -46.64 -28.07
CA ALA F 14 40.02 -45.37 -28.59
C ALA F 14 38.88 -45.59 -29.58
N GLY F 15 37.86 -44.75 -29.49
CA GLY F 15 36.66 -44.91 -30.29
C GLY F 15 35.66 -45.89 -29.74
N GLY F 16 35.99 -46.62 -28.67
CA GLY F 16 35.09 -47.58 -28.10
C GLY F 16 34.12 -46.96 -27.12
N SER F 17 33.32 -47.83 -26.50
CA SER F 17 32.28 -47.40 -25.58
C SER F 17 32.45 -48.10 -24.24
N LEU F 18 31.94 -47.46 -23.19
CA LEU F 18 32.04 -47.98 -21.83
C LEU F 18 30.97 -47.30 -20.99
N ARG F 19 30.33 -48.07 -20.11
CA ARG F 19 29.26 -47.58 -19.25
C ARG F 19 29.72 -47.60 -17.79
N LEU F 20 29.65 -46.45 -17.14
CA LEU F 20 29.90 -46.34 -15.71
C LEU F 20 28.58 -46.34 -14.95
N SER F 21 28.63 -46.84 -13.71
CA SER F 21 27.46 -46.88 -12.86
C SER F 21 27.85 -46.44 -11.45
N CYS F 22 26.87 -45.89 -10.73
CA CYS F 22 27.09 -45.37 -9.38
C CYS F 22 25.92 -45.81 -8.51
N ALA F 23 26.18 -46.69 -7.56
CA ALA F 23 25.15 -47.17 -6.64
C ALA F 23 25.10 -46.26 -5.43
N ALA F 24 23.91 -45.70 -5.15
CA ALA F 24 23.72 -44.79 -4.05
C ALA F 24 22.89 -45.45 -2.96
N SER F 25 23.34 -45.33 -1.72
CA SER F 25 22.61 -45.81 -0.55
C SER F 25 22.08 -44.62 0.22
N GLY F 26 20.77 -44.55 0.39
CA GLY F 26 20.17 -43.40 1.04
C GLY F 26 18.66 -43.48 0.99
N SER F 27 18.03 -42.42 1.51
CA SER F 27 16.58 -42.42 1.70
C SER F 27 15.86 -42.02 0.41
N SER F 28 16.09 -40.80 -0.06
CA SER F 28 15.33 -40.20 -1.16
C SER F 28 16.27 -39.89 -2.32
N PHE F 29 16.76 -40.94 -2.98
CA PHE F 29 17.74 -40.78 -4.05
C PHE F 29 17.21 -39.91 -5.18
N SER F 30 15.92 -40.04 -5.51
CA SER F 30 15.36 -39.33 -6.66
C SER F 30 15.38 -37.81 -6.46
N SER F 31 15.48 -37.33 -5.23
CA SER F 31 15.51 -35.90 -4.96
C SER F 31 16.89 -35.29 -5.14
N TYR F 32 17.95 -36.09 -5.23
CA TYR F 32 19.31 -35.59 -5.23
C TYR F 32 19.76 -35.18 -6.63
N THR F 33 20.50 -34.07 -6.70
CA THR F 33 21.23 -33.72 -7.90
C THR F 33 22.48 -34.58 -7.99
N MET F 34 22.60 -35.34 -9.07
CA MET F 34 23.71 -36.26 -9.26
C MET F 34 24.64 -35.75 -10.35
N THR F 35 25.94 -35.85 -10.11
CA THR F 35 26.95 -35.37 -11.04
C THR F 35 28.04 -36.40 -11.24
N TRP F 36 28.72 -36.30 -12.38
CA TRP F 36 29.96 -37.03 -12.64
C TRP F 36 31.11 -36.05 -12.75
N PHE F 37 32.19 -36.32 -12.02
CA PHE F 37 33.43 -35.58 -12.13
C PHE F 37 34.51 -36.51 -12.66
N ARG F 38 35.59 -35.93 -13.16
CA ARG F 38 36.75 -36.71 -13.57
C ARG F 38 38.02 -35.90 -13.34
N GLN F 39 39.11 -36.60 -13.07
CA GLN F 39 40.42 -36.00 -12.91
C GLN F 39 41.39 -36.75 -13.82
N ALA F 40 41.85 -36.09 -14.87
CA ALA F 40 42.80 -36.68 -15.79
C ALA F 40 44.21 -36.61 -15.22
N PRO F 41 45.12 -37.49 -15.66
CA PRO F 41 46.50 -37.46 -15.15
C PRO F 41 47.16 -36.11 -15.45
N GLY F 42 47.63 -35.46 -14.40
CA GLY F 42 48.27 -34.17 -14.53
C GLY F 42 47.33 -32.99 -14.64
N LYS F 43 46.03 -33.21 -14.56
CA LYS F 43 45.05 -32.15 -14.70
C LYS F 43 44.17 -32.07 -13.46
N GLU F 44 43.50 -30.93 -13.31
CA GLU F 44 42.62 -30.70 -12.17
C GLU F 44 41.30 -31.43 -12.36
N ARG F 45 40.66 -31.80 -11.25
CA ARG F 45 39.35 -32.41 -11.29
C ARG F 45 38.34 -31.44 -11.90
N GLU F 46 37.44 -31.98 -12.73
CA GLU F 46 36.50 -31.15 -13.48
C GLU F 46 35.16 -31.86 -13.57
N ILE F 47 34.10 -31.06 -13.73
CA ILE F 47 32.76 -31.60 -13.88
C ILE F 47 32.62 -32.22 -15.27
N VAL F 48 31.92 -33.35 -15.33
CA VAL F 48 31.62 -34.02 -16.59
C VAL F 48 30.16 -33.84 -16.98
N ALA F 49 29.24 -34.20 -16.09
CA ALA F 49 27.82 -34.14 -16.40
C ALA F 49 27.04 -34.00 -15.10
N GLY F 50 25.80 -33.57 -15.23
CA GLY F 50 24.91 -33.41 -14.09
C GLY F 50 23.49 -33.68 -14.50
N ILE F 51 22.72 -34.24 -13.57
CA ILE F 51 21.33 -34.60 -13.84
C ILE F 51 20.53 -34.41 -12.55
N ARG F 52 19.25 -34.08 -12.71
CA ARG F 52 18.38 -33.89 -11.57
C ARG F 52 17.02 -34.57 -11.78
N TRP F 53 15.97 -33.79 -12.03
CA TRP F 53 14.63 -34.33 -12.11
C TRP F 53 14.20 -34.59 -13.55
N SER F 54 13.27 -35.53 -13.71
CA SER F 54 12.76 -35.88 -15.02
C SER F 54 12.17 -34.67 -15.74
N GLY F 55 12.50 -34.55 -17.03
CA GLY F 55 12.05 -33.45 -17.85
C GLY F 55 13.03 -32.30 -17.96
N GLU F 56 14.03 -32.26 -17.08
CA GLU F 56 15.04 -31.22 -17.13
C GLU F 56 16.21 -31.65 -17.99
N SER F 57 16.79 -30.70 -18.71
CA SER F 57 17.93 -31.00 -19.57
C SER F 57 19.17 -31.22 -18.72
N PRO F 58 19.84 -32.37 -18.83
CA PRO F 58 21.06 -32.58 -18.06
C PRO F 58 22.17 -31.62 -18.48
N TYR F 59 23.10 -31.39 -17.56
CA TYR F 59 24.26 -30.56 -17.85
C TYR F 59 25.38 -31.42 -18.41
N TYR F 60 26.12 -30.87 -19.37
CA TYR F 60 27.26 -31.54 -19.96
C TYR F 60 28.39 -30.54 -20.16
N ALA F 61 29.60 -30.93 -19.78
CA ALA F 61 30.78 -30.16 -20.15
C ALA F 61 30.93 -30.16 -21.66
N ASP F 62 31.48 -29.06 -22.19
CA ASP F 62 31.60 -28.92 -23.64
C ASP F 62 32.44 -30.03 -24.26
N SER F 63 33.42 -30.57 -23.51
CA SER F 63 34.31 -31.57 -24.07
C SER F 63 33.67 -32.94 -24.22
N VAL F 64 32.47 -33.16 -23.67
CA VAL F 64 31.81 -34.45 -23.71
C VAL F 64 30.46 -34.39 -24.38
N LYS F 65 30.03 -33.22 -24.86
CA LYS F 65 28.74 -33.12 -25.53
C LYS F 65 28.72 -33.96 -26.80
N GLY F 66 27.62 -34.66 -27.02
CA GLY F 66 27.48 -35.54 -28.17
C GLY F 66 28.18 -36.87 -28.06
N ARG F 67 28.98 -37.08 -27.01
CA ARG F 67 29.68 -38.34 -26.80
C ARG F 67 29.27 -39.05 -25.51
N PHE F 68 29.04 -38.31 -24.44
CA PHE F 68 28.66 -38.88 -23.16
C PHE F 68 27.18 -38.60 -22.90
N THR F 69 26.52 -39.54 -22.23
CA THR F 69 25.13 -39.39 -21.83
C THR F 69 24.98 -39.81 -20.38
N ILE F 70 24.42 -38.92 -19.56
CA ILE F 70 24.17 -39.20 -18.15
C ILE F 70 22.70 -39.55 -17.98
N SER F 71 22.42 -40.53 -17.14
CA SER F 71 21.06 -40.96 -16.88
C SER F 71 20.99 -41.57 -15.48
N ARG F 72 19.78 -41.80 -15.01
CA ARG F 72 19.57 -42.33 -13.67
C ARG F 72 18.38 -43.27 -13.67
N ASP F 73 18.46 -44.30 -12.82
CA ASP F 73 17.37 -45.23 -12.58
C ASP F 73 16.98 -45.07 -11.11
N ASN F 74 15.97 -44.24 -10.84
CA ASN F 74 15.58 -43.95 -9.47
C ASN F 74 15.06 -45.18 -8.76
N ALA F 75 14.48 -46.13 -9.51
CA ALA F 75 14.00 -47.36 -8.89
C ALA F 75 15.15 -48.22 -8.37
N LYS F 76 16.34 -48.07 -8.95
CA LYS F 76 17.50 -48.85 -8.55
C LYS F 76 18.53 -48.04 -7.78
N ASN F 77 18.27 -46.76 -7.51
CA ASN F 77 19.20 -45.88 -6.81
C ASN F 77 20.56 -45.86 -7.50
N THR F 78 20.56 -45.80 -8.82
CA THR F 78 21.77 -45.93 -9.62
C THR F 78 21.89 -44.78 -10.59
N LEU F 79 23.10 -44.24 -10.71
CA LEU F 79 23.44 -43.21 -11.69
C LEU F 79 24.33 -43.83 -12.76
N TYR F 80 24.11 -43.43 -14.01
CA TYR F 80 24.82 -44.00 -15.14
C TYR F 80 25.54 -42.92 -15.94
N LEU F 81 26.66 -43.31 -16.54
CA LEU F 81 27.36 -42.48 -17.52
C LEU F 81 27.72 -43.35 -18.71
N GLN F 82 27.03 -43.15 -19.83
CA GLN F 82 27.33 -43.87 -21.06
C GLN F 82 28.35 -43.06 -21.86
N MET F 83 29.54 -43.62 -22.04
CA MET F 83 30.66 -42.94 -22.67
C MET F 83 30.91 -43.55 -24.04
N ASN F 84 30.57 -42.81 -25.10
CA ASN F 84 30.79 -43.23 -26.47
C ASN F 84 31.86 -42.37 -27.13
N SER F 85 32.43 -42.92 -28.21
CA SER F 85 33.48 -42.24 -28.98
C SER F 85 34.63 -41.79 -28.07
N LEU F 86 35.15 -42.75 -27.31
CA LEU F 86 36.15 -42.44 -26.29
C LEU F 86 37.46 -42.00 -26.93
N LYS F 87 38.07 -40.99 -26.32
CA LYS F 87 39.33 -40.41 -26.76
C LYS F 87 40.41 -40.61 -25.69
N PRO F 88 41.68 -40.57 -26.07
CA PRO F 88 42.74 -40.71 -25.06
C PRO F 88 42.67 -39.67 -23.96
N GLU F 89 42.20 -38.46 -24.25
CA GLU F 89 42.07 -37.44 -23.22
C GLU F 89 40.92 -37.72 -22.26
N ASP F 90 40.13 -38.77 -22.49
CA ASP F 90 39.11 -39.17 -21.53
C ASP F 90 39.65 -40.07 -20.42
N THR F 91 40.91 -40.48 -20.51
CA THR F 91 41.52 -41.26 -19.44
C THR F 91 41.55 -40.44 -18.15
N ALA F 92 40.86 -40.94 -17.13
CA ALA F 92 40.73 -40.22 -15.86
C ALA F 92 40.10 -41.13 -14.84
N VAL F 93 40.19 -40.71 -13.58
CA VAL F 93 39.42 -41.32 -12.50
C VAL F 93 38.10 -40.58 -12.41
N TYR F 94 37.00 -41.29 -12.61
CA TYR F 94 35.67 -40.69 -12.67
C TYR F 94 34.99 -40.82 -11.31
N TYR F 95 34.45 -39.71 -10.82
CA TYR F 95 33.89 -39.64 -9.47
C TYR F 95 32.39 -39.35 -9.54
N CYS F 96 31.64 -40.02 -8.67
CA CYS F 96 30.22 -39.81 -8.49
C CYS F 96 29.98 -38.87 -7.30
N ALA F 97 29.09 -37.90 -7.48
CA ALA F 97 28.84 -36.89 -6.46
C ALA F 97 27.35 -36.57 -6.39
N ALA F 98 26.93 -36.05 -5.24
CA ALA F 98 25.51 -35.83 -4.98
C ALA F 98 25.32 -34.61 -4.08
N ARG F 99 24.17 -33.97 -4.23
CA ARG F 99 23.78 -32.85 -3.37
C ARG F 99 22.25 -32.70 -3.42
N LEU F 100 21.66 -32.47 -2.25
CA LEU F 100 20.22 -32.23 -2.16
C LEU F 100 19.96 -30.75 -2.44
N VAL F 101 19.37 -30.46 -3.59
CA VAL F 101 19.15 -29.09 -4.06
C VAL F 101 17.65 -28.87 -4.16
N PRO F 102 17.11 -27.82 -3.52
CA PRO F 102 15.67 -27.57 -3.60
C PRO F 102 15.29 -27.02 -4.97
N PRO F 103 14.01 -27.04 -5.33
CA PRO F 103 13.59 -26.50 -6.62
C PRO F 103 13.86 -25.01 -6.72
N GLY F 104 13.93 -24.54 -7.97
CA GLY F 104 14.14 -23.13 -8.24
C GLY F 104 15.58 -22.71 -8.41
N ILE F 105 16.53 -23.64 -8.40
CA ILE F 105 17.94 -23.35 -8.55
C ILE F 105 18.41 -23.97 -9.86
N PRO F 106 18.98 -23.20 -10.79
CA PRO F 106 19.52 -23.81 -12.01
C PRO F 106 20.66 -24.77 -11.68
N ILE F 107 20.72 -25.87 -12.43
CA ILE F 107 21.69 -26.92 -12.12
C ILE F 107 23.11 -26.44 -12.30
N GLU F 108 23.35 -25.53 -13.25
CA GLU F 108 24.71 -25.03 -13.47
C GLU F 108 25.23 -24.20 -12.31
N ARG F 109 24.37 -23.74 -11.42
CA ARG F 109 24.81 -23.00 -10.24
C ARG F 109 24.97 -23.88 -9.01
N THR F 110 24.86 -25.20 -9.16
CA THR F 110 25.07 -26.13 -8.08
C THR F 110 26.23 -27.08 -8.32
N LEU F 111 26.94 -26.94 -9.43
CA LEU F 111 28.00 -27.88 -9.78
C LEU F 111 29.19 -27.80 -8.82
N GLU F 112 29.36 -26.67 -8.14
CA GLU F 112 30.41 -26.52 -7.15
C GLU F 112 29.91 -26.74 -5.72
N SER F 113 28.72 -27.32 -5.56
CA SER F 113 28.10 -27.49 -4.25
C SER F 113 27.88 -28.95 -3.87
N MET F 114 28.54 -29.88 -4.55
CA MET F 114 28.39 -31.28 -4.23
C MET F 114 28.88 -31.56 -2.82
N ARG F 115 28.17 -32.44 -2.10
CA ARG F 115 28.46 -32.73 -0.71
C ARG F 115 28.98 -34.14 -0.48
N TYR F 116 28.38 -35.14 -1.11
CA TYR F 116 28.77 -36.53 -0.95
C TYR F 116 29.50 -37.00 -2.19
N TRP F 117 30.60 -37.73 -2.00
CA TRP F 117 31.46 -38.15 -3.08
C TRP F 117 31.74 -39.65 -2.99
N GLY F 118 31.86 -40.29 -4.15
CA GLY F 118 32.38 -41.62 -4.23
C GLY F 118 33.91 -41.61 -4.27
N LYS F 119 34.48 -42.81 -4.27
CA LYS F 119 35.93 -42.95 -4.25
C LYS F 119 36.54 -43.08 -5.65
N GLY F 120 35.72 -43.13 -6.69
CA GLY F 120 36.21 -43.06 -8.05
C GLY F 120 36.46 -44.42 -8.67
N THR F 121 36.47 -44.42 -10.01
CA THR F 121 36.80 -45.60 -10.80
C THR F 121 37.65 -45.15 -11.98
N LEU F 122 38.66 -45.96 -12.33
CA LEU F 122 39.62 -45.57 -13.34
C LEU F 122 39.18 -46.05 -14.73
N VAL F 123 39.23 -45.15 -15.70
CA VAL F 123 38.97 -45.47 -17.10
C VAL F 123 40.24 -45.12 -17.89
N THR F 124 40.76 -46.09 -18.62
CA THR F 124 41.96 -45.92 -19.41
C THR F 124 41.62 -46.14 -20.89
N VAL F 125 41.97 -45.15 -21.71
CA VAL F 125 41.72 -45.20 -23.15
C VAL F 125 43.05 -45.40 -23.85
N SER F 126 43.27 -46.58 -24.39
CA SER F 126 44.53 -46.92 -25.05
C SER F 126 44.53 -46.41 -26.48
N SER F 127 45.66 -46.60 -27.16
CA SER F 127 45.85 -46.18 -28.55
C SER F 127 45.57 -44.69 -28.73
O1 FO4 G . -18.95 19.91 -11.98
N FO4 G . -18.92 20.15 -14.21
C1 FO4 G . -17.39 18.28 -16.12
O5 FO4 G . -23.61 18.22 -14.22
P FO4 G . -23.11 18.94 -15.44
O3 FO4 G . -23.86 20.14 -15.94
O4 FO4 G . -23.06 17.88 -16.65
C42 FO4 G . -22.47 18.30 -17.89
C43 FO4 G . -22.93 17.37 -18.99
N1 FO4 G . -22.68 17.85 -20.40
C46 FO4 G . -23.19 16.85 -21.37
C45 FO4 G . -21.22 18.03 -20.61
C44 FO4 G . -23.37 19.15 -20.62
O2 FO4 G . -21.58 19.32 -15.23
C41 FO4 G . -20.77 18.57 -14.29
C16 FO4 G . -19.27 18.78 -14.53
C FO4 G . -18.87 18.39 -15.96
O FO4 G . -19.47 17.17 -16.34
C2 FO4 G . -16.70 18.92 -16.99
C3 FO4 G . -15.26 18.71 -17.30
C4 FO4 G . -14.43 19.94 -17.14
C5 FO4 G . -12.99 19.77 -17.54
C6 FO4 G . -12.82 19.15 -18.91
C7 FO4 G . -11.39 18.96 -19.33
C8 FO4 G . -11.20 18.00 -20.47
C9 FO4 G . -11.82 16.65 -20.23
C10 FO4 G . -11.27 15.57 -21.11
C11 FO4 G . -11.43 15.81 -22.59
C12 FO4 G . -10.79 14.74 -23.45
C13 FO4 G . -11.22 13.35 -23.11
C14 FO4 G . -10.49 12.26 -23.83
C15 FO4 G . -10.96 10.88 -23.46
C17 FO4 G . -18.84 20.64 -12.96
C18 FO4 G . -18.64 22.13 -12.84
C19 FO4 G . -17.22 22.54 -13.07
C20 FO4 G . -16.30 22.10 -11.95
C21 FO4 G . -14.85 22.47 -12.15
C22 FO4 G . -13.93 21.85 -11.14
C23 FO4 G . -12.47 22.15 -11.38
C24 FO4 G . -11.52 21.32 -10.55
C25 FO4 G . -10.08 21.44 -10.96
C26 FO4 G . -9.23 20.26 -10.57
C27 FO4 G . -8.97 20.15 -9.09
C28 FO4 G . -8.26 18.90 -8.67
C29 FO4 G . -7.60 18.98 -7.30
C30 FO4 G . -8.42 19.65 -6.27
C31 FO4 G . -7.80 19.64 -4.91
C32 FO4 G . -8.32 20.24 -3.87
C33 FO4 G . -9.30 21.37 -3.95
C34 FO4 G . -8.83 22.61 -3.26
C35 FO4 G . -9.82 23.77 -3.31
C36 FO4 G . -9.74 24.60 -4.56
C37 FO4 G . -10.68 25.78 -4.58
C38 FO4 G . -10.46 26.76 -5.70
C39 FO4 G . -10.91 26.34 -7.08
C40 FO4 G . -9.93 25.46 -7.83
C1 NAG H . -9.93 -3.57 -16.25
C2 NAG H . -9.60 -5.04 -16.48
C3 NAG H . -9.62 -5.80 -15.17
C4 NAG H . -8.70 -5.14 -14.15
C5 NAG H . -9.03 -3.65 -14.03
C6 NAG H . -8.02 -2.90 -13.17
C7 NAG H . -11.82 -5.77 -17.31
C8 NAG H . -12.55 -6.43 -18.44
N2 NAG H . -10.50 -5.65 -17.47
O3 NAG H . -9.22 -7.15 -15.39
O4 NAG H . -8.85 -5.75 -12.88
O5 NAG H . -9.00 -3.01 -15.32
O6 NAG H . -6.70 -3.02 -13.67
O7 NAG H . -12.41 -5.35 -16.31
C1 NAG I . -13.11 5.50 -7.30
C2 NAG I . -13.22 3.97 -7.41
C3 NAG I . -14.41 3.60 -8.28
C4 NAG I . -15.68 4.27 -7.78
C5 NAG I . -15.46 5.78 -7.66
C6 NAG I . -16.65 6.50 -7.07
C7 NAG I . -11.37 2.35 -7.36
C8 NAG I . -12.01 1.79 -6.13
N2 NAG I . -11.99 3.39 -7.93
O3 NAG I . -14.57 2.19 -8.28
O4 NAG I . -16.75 4.01 -8.67
O5 NAG I . -14.34 6.05 -6.81
O6 NAG I . -16.86 6.12 -5.71
O7 NAG I . -10.33 1.90 -7.83
O1 FO4 J . 17.49 -29.27 7.35
N FO4 J . 19.55 -28.73 8.02
C1 FO4 J . 19.17 -27.51 10.77
O5 FO4 J . 22.23 -32.82 8.73
P FO4 J . 22.91 -31.49 8.63
O3 FO4 J . 23.73 -31.16 7.42
O4 FO4 J . 23.86 -31.32 9.92
C42 FO4 J . 23.28 -31.37 11.23
C43 FO4 J . 24.37 -31.37 12.29
N1 FO4 J . 25.06 -30.04 12.52
C46 FO4 J . 24.06 -28.95 12.57
C45 FO4 J . 26.03 -29.76 11.41
C44 FO4 J . 25.80 -30.08 13.80
O2 FO4 J . 21.82 -30.34 8.84
C41 FO4 J . 20.44 -30.70 9.12
C16 FO4 J . 19.58 -29.46 9.27
C FO4 J . 20.15 -28.57 10.38
O FO4 J . 20.50 -29.33 11.52
C2 FO4 J . 19.43 -26.51 11.54
C3 FO4 J . 18.43 -25.50 12.02
C4 FO4 J . 18.66 -24.15 11.44
C5 FO4 J . 17.86 -23.04 12.10
C6 FO4 J . 18.20 -22.84 13.55
C7 FO4 J . 17.80 -21.50 14.10
C8 FO4 J . 18.13 -21.31 15.56
C9 FO4 J . 17.51 -22.33 16.46
C10 FO4 J . 17.61 -22.01 17.92
C11 FO4 J . 19.00 -22.07 18.48
C12 FO4 J . 19.07 -21.86 19.97
C13 FO4 J . 18.19 -22.79 20.75
C14 FO4 J . 18.27 -22.61 22.24
C15 FO4 J . 17.45 -23.60 23.02
C17 FO4 J . 18.54 -28.66 7.17
C18 FO4 J . 18.74 -27.75 5.98
C19 FO4 J . 18.06 -26.43 6.11
C20 FO4 J . 16.54 -26.55 6.19
C21 FO4 J . 15.83 -25.23 6.36
C22 FO4 J . 14.35 -25.36 6.56
C23 FO4 J . 13.64 -24.05 6.83
C24 FO4 J . 12.24 -24.21 7.34
C25 FO4 J . 11.57 -22.92 7.72
C26 FO4 J . 10.36 -23.08 8.60
C27 FO4 J . 9.26 -23.94 8.03
C28 FO4 J . 7.95 -23.82 8.75
C29 FO4 J . 6.84 -24.69 8.17
C30 FO4 J . 6.54 -24.44 6.73
C31 FO4 J . 5.41 -25.26 6.22
C32 FO4 J . 4.94 -25.24 5.00
C33 FO4 J . 5.52 -24.49 3.84
C34 FO4 J . 5.87 -25.37 2.68
C35 FO4 J . 6.52 -24.64 1.51
C36 FO4 J . 7.85 -24.04 1.85
C37 FO4 J . 8.53 -23.32 0.71
C38 FO4 J . 9.93 -22.86 1.04
C39 FO4 J . 10.05 -22.22 2.41
C40 FO4 J . 11.44 -21.82 2.79
C1 NAG K . 7.93 -33.91 30.11
C2 NAG K . 7.65 -34.76 31.35
C3 NAG K . 6.42 -35.64 31.12
C4 NAG K . 5.24 -34.80 30.67
C5 NAG K . 5.62 -33.96 29.45
C6 NAG K . 4.52 -33.02 29.01
C7 NAG K . 9.60 -35.35 32.73
C8 NAG K . 10.74 -36.30 32.92
N2 NAG K . 8.81 -35.58 31.68
O3 NAG K . 6.11 -36.32 32.33
O4 NAG K . 4.15 -35.64 30.32
O5 NAG K . 6.76 -33.15 29.78
O6 NAG K . 4.53 -31.83 29.77
O7 NAG K . 9.39 -34.42 33.50
C1 NAG L . 6.50 -35.32 17.62
C2 NAG L . 6.16 -36.11 18.88
C3 NAG L . 7.42 -36.80 19.43
C4 NAG L . 8.08 -37.63 18.33
C5 NAG L . 8.34 -36.76 17.09
C6 NAG L . 8.89 -37.56 15.93
C7 NAG L . 4.47 -35.53 20.58
C8 NAG L . 3.82 -36.83 20.24
N2 NAG L . 5.59 -35.23 19.90
O3 NAG L . 7.06 -37.64 20.52
O4 NAG L . 9.33 -38.14 18.80
O5 NAG L . 7.10 -36.19 16.66
O6 NAG L . 7.93 -38.46 15.41
O7 NAG L . 4.01 -34.77 21.43
#